data_5G56
#
_entry.id   5G56
#
_cell.length_a   147.410
_cell.length_b   191.730
_cell.length_c   50.700
_cell.angle_alpha   90.00
_cell.angle_beta   90.00
_cell.angle_gamma   90.00
#
_symmetry.space_group_name_H-M   'P 21 21 2'
#
loop_
_entity.id
_entity.type
_entity.pdbx_description
1 polymer 'CARBOHYDRATE BINDING FAMILY 6'
2 non-polymer 'CALCIUM ION'
3 non-polymer (4S)-2-METHYL-2,4-PENTANEDIOL
4 water water
#
_entity_poly.entity_id   1
_entity_poly.type   'polypeptide(L)'
_entity_poly.pdbx_seq_one_letter_code
;ASPQRGRPRLNAARTTFVGDNGQPLRGPYTSTEWTAAAPYDQIARVKELGFNAVHLYAECFDPRYPAPGSKAPGYAVNEI
DKIVERTRELGLYLVITIGNGANNGNHNAQWARDFWKFYAPRYAKETHVLYEIHNEPVAWGPPYSSSTANPPGAVD
(MSE)EIDVYRIIRTYAPETPVLLFSYAVFGGKGGAAEALKDIRAFNKAVFGNENAVWTNEAVAFHGYAGWQETTIAVEE
LLKAGYPCF(MSE)TEYAGGAWGSG(MSE)GGLDVELTYELERLGVSWLTFQYIPPTGVSDDVTKPEYFSALVENSGLSW
TPDYGNWPAARGVYGNGGLARETATWINNFLTGTTRIEAEDFDWGGNGVSYYDTDSVNVGGQYRPDEGVDIEKTSDTGGG
YNVGWISEGEWLEYTIRVRNPGYYNLSLRVAGISGSRVQVSFGNQDKTGVWELPATGGFQTWTTATRQVFLGAGLQKLRI
NALSGGFNLNWIELSPISTGTIPDGTYKFLNRANGKTLQEVTGNNSIITADYKGITEQHWKIQHIGGGQYRISSAGRGWN
WNWW(MSE)GFGTVGWWGTGSSTCFIISPTGDGYYRIVLVGDGTNLQISSGDPSKIEGKAFHGGANQQWAILPVSAPAFP
TGLSAVLDSSGNTANLTWNAAPGANSYNVKRSTKSGGPYTTIATNITSTNYTDTGVATGTKYYYVVSAVSNGVETLNSAE
AILQYPKLTGTVIGTQGSWNNIGNTIHKAFDGDLNTFFDGPTANGCWLGLDFGEGVRNVITQIKFCPRSGYEQR(MSE)I
GGIFQGANKEDFSDAVTLFTITSLPGSGTLTSVDVDNPTGFRYVRYLSPDGSNGNIAELQFFGTPAGEENDDVHLGDILE
HHHHHH
;
_entity_poly.pdbx_strand_id   A
#
loop_
_chem_comp.id
_chem_comp.type
_chem_comp.name
_chem_comp.formula
CA non-polymer 'CALCIUM ION' 'Ca 2'
MPD non-polymer (4S)-2-METHYL-2,4-PENTANEDIOL 'C6 H14 O2'
#
# COMPACT_ATOMS: atom_id res chain seq x y z
N ALA A 1 -23.41 -35.66 8.89
CA ALA A 1 -23.95 -34.29 8.58
C ALA A 1 -23.18 -33.57 7.46
N SER A 2 -23.76 -32.48 6.97
CA SER A 2 -23.16 -31.66 5.90
C SER A 2 -22.08 -30.74 6.47
N PRO A 3 -21.17 -30.23 5.60
CA PRO A 3 -20.18 -29.29 6.08
C PRO A 3 -20.71 -27.85 6.19
N GLN A 4 -22.03 -27.64 6.04
CA GLN A 4 -22.66 -26.36 6.32
C GLN A 4 -22.25 -25.83 7.67
N ARG A 5 -21.89 -24.56 7.72
CA ARG A 5 -21.35 -23.98 8.92
C ARG A 5 -22.43 -23.64 9.93
N GLY A 6 -22.06 -23.72 11.20
CA GLY A 6 -22.93 -23.38 12.31
C GLY A 6 -23.05 -21.88 12.43
N ARG A 7 -24.16 -21.48 13.05
CA ARG A 7 -24.56 -20.08 13.13
C ARG A 7 -23.48 -19.23 13.81
N PRO A 8 -23.11 -18.07 13.21
CA PRO A 8 -22.16 -17.19 13.91
C PRO A 8 -22.73 -16.64 15.19
N ARG A 9 -21.88 -16.44 16.19
CA ARG A 9 -22.28 -15.88 17.46
C ARG A 9 -21.25 -14.85 17.84
N LEU A 10 -21.62 -13.89 18.68
CA LEU A 10 -20.64 -12.95 19.20
C LEU A 10 -19.65 -13.70 20.08
N ASN A 11 -18.38 -13.30 20.00
CA ASN A 11 -17.33 -13.86 20.87
C ASN A 11 -17.54 -13.42 22.32
N ALA A 12 -16.77 -14.01 23.23
CA ALA A 12 -16.83 -13.68 24.66
C ALA A 12 -16.40 -12.24 24.91
N ALA A 13 -15.39 -11.80 24.17
CA ALA A 13 -14.89 -10.43 24.23
C ALA A 13 -15.88 -9.37 23.72
N ARG A 14 -16.84 -9.78 22.90
CA ARG A 14 -17.83 -8.89 22.26
C ARG A 14 -17.18 -7.86 21.33
N THR A 15 -16.35 -8.36 20.42
CA THR A 15 -15.71 -7.54 19.38
C THR A 15 -16.23 -7.81 17.96
N THR A 16 -16.54 -9.08 17.63
CA THR A 16 -17.20 -9.43 16.36
C THR A 16 -18.02 -10.69 16.45
N PHE A 17 -18.63 -11.03 15.32
CA PHE A 17 -19.08 -12.39 15.03
C PHE A 17 -17.92 -13.29 14.65
N VAL A 18 -17.88 -14.45 15.31
CA VAL A 18 -16.97 -15.54 14.97
C VAL A 18 -17.81 -16.74 14.55
N GLY A 19 -17.18 -17.67 13.82
CA GLY A 19 -17.86 -18.86 13.32
C GLY A 19 -18.09 -19.92 14.38
N ASP A 20 -18.52 -21.08 13.92
CA ASP A 20 -18.77 -22.23 14.81
C ASP A 20 -17.51 -22.85 15.44
N ASN A 21 -16.33 -22.42 14.99
CA ASN A 21 -15.04 -22.80 15.56
C ASN A 21 -14.35 -21.67 16.35
N GLY A 22 -15.11 -20.63 16.68
CA GLY A 22 -14.59 -19.50 17.45
C GLY A 22 -13.68 -18.53 16.72
N GLN A 23 -13.52 -18.72 15.40
CA GLN A 23 -12.58 -17.93 14.59
C GLN A 23 -13.31 -16.82 13.84
N PRO A 24 -12.61 -15.69 13.57
CA PRO A 24 -13.16 -14.64 12.74
C PRO A 24 -13.59 -15.10 11.35
N LEU A 25 -14.55 -14.36 10.79
CA LEU A 25 -14.96 -14.53 9.41
C LEU A 25 -14.04 -13.64 8.58
N ARG A 26 -13.38 -14.24 7.60
CA ARG A 26 -12.47 -13.54 6.70
C ARG A 26 -12.83 -13.95 5.28
N GLY A 27 -12.99 -12.97 4.38
CA GLY A 27 -13.42 -13.26 3.01
C GLY A 27 -13.26 -12.15 1.98
N PRO A 28 -13.38 -12.50 0.68
CA PRO A 28 -13.48 -11.51 -0.38
C PRO A 28 -14.95 -11.23 -0.70
N TYR A 29 -15.23 -10.60 -1.84
CA TYR A 29 -16.60 -10.38 -2.26
C TYR A 29 -16.92 -10.97 -3.64
N THR A 30 -18.22 -11.00 -3.93
CA THR A 30 -18.72 -11.21 -5.29
C THR A 30 -20.05 -10.45 -5.41
N SER A 31 -20.47 -10.20 -6.64
CA SER A 31 -21.74 -9.51 -6.88
C SER A 31 -22.65 -10.34 -7.76
N THR A 32 -23.94 -10.12 -7.55
CA THR A 32 -24.98 -10.66 -8.43
C THR A 32 -26.00 -9.55 -8.77
N GLU A 33 -25.50 -8.32 -8.85
CA GLU A 33 -26.33 -7.13 -9.04
C GLU A 33 -26.80 -6.98 -10.47
N TRP A 34 -25.91 -7.25 -11.43
CA TRP A 34 -26.22 -7.21 -12.87
C TRP A 34 -25.53 -8.35 -13.66
N THR A 35 -25.21 -9.44 -12.96
CA THR A 35 -24.34 -10.50 -13.46
C THR A 35 -24.74 -11.84 -12.86
N ALA A 36 -24.39 -12.92 -13.54
CA ALA A 36 -24.66 -14.27 -13.03
C ALA A 36 -23.92 -14.55 -11.72
N ALA A 37 -24.37 -15.58 -11.02
CA ALA A 37 -23.68 -16.08 -9.83
C ALA A 37 -22.31 -16.60 -10.23
N ALA A 38 -21.29 -16.24 -9.46
CA ALA A 38 -19.95 -16.82 -9.66
C ALA A 38 -20.05 -18.35 -9.54
N PRO A 39 -19.32 -19.08 -10.40
CA PRO A 39 -19.42 -20.55 -10.35
C PRO A 39 -18.84 -21.18 -9.08
N TYR A 40 -19.40 -22.34 -8.71
CA TYR A 40 -18.84 -23.19 -7.63
C TYR A 40 -17.30 -23.30 -7.67
N ASP A 41 -16.77 -23.65 -8.83
CA ASP A 41 -15.31 -23.77 -9.08
C ASP A 41 -14.49 -22.61 -8.57
N GLN A 42 -14.98 -21.39 -8.78
CA GLN A 42 -14.24 -20.17 -8.45
C GLN A 42 -14.51 -19.73 -7.00
N ILE A 43 -15.74 -19.93 -6.52
CA ILE A 43 -16.09 -19.66 -5.11
C ILE A 43 -15.33 -20.61 -4.18
N ALA A 44 -15.05 -21.83 -4.66
CA ALA A 44 -14.24 -22.81 -3.90
C ALA A 44 -12.80 -22.35 -3.70
N ARG A 45 -12.26 -21.60 -4.66
CA ARG A 45 -10.87 -21.13 -4.61
C ARG A 45 -10.57 -20.25 -3.38
N VAL A 46 -11.61 -19.60 -2.88
CA VAL A 46 -11.58 -18.82 -1.62
C VAL A 46 -10.96 -19.59 -0.43
N LYS A 47 -11.29 -20.87 -0.32
CA LYS A 47 -10.80 -21.69 0.80
C LYS A 47 -9.27 -21.92 0.77
N GLU A 48 -8.67 -21.81 -0.41
CA GLU A 48 -7.21 -21.93 -0.57
C GLU A 48 -6.46 -20.64 -0.25
N LEU A 49 -7.19 -19.54 -0.05
CA LEU A 49 -6.59 -18.25 0.31
C LEU A 49 -6.85 -17.87 1.77
N GLY A 50 -7.13 -18.88 2.60
CA GLY A 50 -7.33 -18.68 4.03
C GLY A 50 -8.65 -18.01 4.39
N PHE A 51 -9.59 -17.99 3.43
CA PHE A 51 -10.91 -17.39 3.66
C PHE A 51 -11.91 -18.46 4.09
N ASN A 52 -12.87 -18.05 4.91
CA ASN A 52 -14.00 -18.91 5.30
C ASN A 52 -15.37 -18.26 5.06
N ALA A 53 -15.38 -17.15 4.31
CA ALA A 53 -16.55 -16.27 4.18
C ALA A 53 -16.58 -15.57 2.83
N VAL A 54 -17.79 -15.21 2.38
CA VAL A 54 -17.99 -14.49 1.13
C VAL A 54 -18.94 -13.32 1.38
N HIS A 55 -18.62 -12.18 0.78
CA HIS A 55 -19.47 -10.99 0.82
C HIS A 55 -20.26 -10.91 -0.48
N LEU A 56 -21.59 -10.88 -0.39
CA LEU A 56 -22.45 -10.81 -1.57
C LEU A 56 -23.21 -9.50 -1.67
N TYR A 57 -22.82 -8.65 -2.64
CA TYR A 57 -23.63 -7.51 -3.06
C TYR A 57 -24.71 -8.13 -3.97
N ALA A 58 -25.91 -8.31 -3.40
CA ALA A 58 -26.94 -9.16 -3.98
C ALA A 58 -27.68 -8.49 -5.13
N GLU A 59 -28.17 -7.29 -4.87
CA GLU A 59 -28.89 -6.50 -5.87
C GLU A 59 -28.60 -5.04 -5.56
N CYS A 60 -28.63 -4.18 -6.58
CA CYS A 60 -28.55 -2.74 -6.36
C CYS A 60 -29.94 -2.12 -6.44
N PHE A 61 -30.15 -1.11 -5.61
CA PHE A 61 -31.45 -0.44 -5.44
C PHE A 61 -31.75 0.56 -6.56
N ASP A 62 -33.04 0.69 -6.91
CA ASP A 62 -33.52 1.73 -7.84
C ASP A 62 -34.01 2.95 -7.04
N PRO A 63 -33.45 4.15 -7.29
CA PRO A 63 -33.92 5.35 -6.60
C PRO A 63 -35.42 5.67 -6.82
N ARG A 64 -35.93 5.36 -8.01
CA ARG A 64 -37.30 5.74 -8.39
C ARG A 64 -38.42 4.82 -7.86
N TYR A 65 -38.06 3.68 -7.28
CA TYR A 65 -39.04 2.71 -6.74
C TYR A 65 -39.99 3.32 -5.68
N PRO A 66 -41.28 2.97 -5.65
CA PRO A 66 -41.95 2.03 -6.55
C PRO A 66 -42.79 2.75 -7.63
N ALA A 67 -42.15 3.65 -8.37
CA ALA A 67 -42.78 4.31 -9.51
C ALA A 67 -43.03 3.29 -10.63
N PRO A 68 -43.92 3.60 -11.58
CA PRO A 68 -44.14 2.68 -12.71
C PRO A 68 -42.86 2.41 -13.53
N GLY A 69 -42.60 1.15 -13.83
CA GLY A 69 -41.43 0.74 -14.60
C GLY A 69 -40.08 0.65 -13.89
N SER A 70 -40.01 0.99 -12.60
CA SER A 70 -38.76 0.88 -11.81
C SER A 70 -38.47 -0.58 -11.48
N LYS A 71 -37.19 -0.93 -11.26
CA LYS A 71 -36.80 -2.32 -10.96
C LYS A 71 -37.10 -2.59 -9.49
N ALA A 72 -37.91 -3.62 -9.23
CA ALA A 72 -38.26 -4.03 -7.86
C ALA A 72 -37.18 -4.95 -7.28
N PRO A 73 -37.17 -5.12 -5.94
CA PRO A 73 -36.33 -6.18 -5.38
C PRO A 73 -36.83 -7.58 -5.76
N GLY A 74 -35.91 -8.55 -5.78
CA GLY A 74 -36.22 -9.93 -6.13
C GLY A 74 -35.66 -10.39 -7.47
N TYR A 75 -35.35 -9.45 -8.36
CA TYR A 75 -34.94 -9.78 -9.73
C TYR A 75 -33.72 -10.72 -9.88
N ALA A 76 -32.81 -10.70 -8.91
CA ALA A 76 -31.61 -11.55 -8.91
C ALA A 76 -31.73 -12.85 -8.10
N VAL A 77 -32.91 -13.11 -7.53
CA VAL A 77 -33.14 -14.28 -6.64
C VAL A 77 -32.51 -15.60 -7.11
N ASN A 78 -32.64 -15.91 -8.40
CA ASN A 78 -32.16 -17.19 -8.97
C ASN A 78 -30.65 -17.33 -8.93
N GLU A 79 -29.96 -16.19 -8.95
CA GLU A 79 -28.51 -16.17 -8.79
C GLU A 79 -28.10 -16.14 -7.31
N ILE A 80 -28.83 -15.39 -6.48
CA ILE A 80 -28.54 -15.30 -5.04
C ILE A 80 -28.74 -16.68 -4.40
N ASP A 81 -29.73 -17.43 -4.88
CA ASP A 81 -29.96 -18.81 -4.44
C ASP A 81 -28.74 -19.71 -4.72
N LYS A 82 -28.12 -19.51 -5.88
CA LYS A 82 -26.93 -20.27 -6.24
C LYS A 82 -25.77 -19.98 -5.32
N ILE A 83 -25.54 -18.70 -5.02
CA ILE A 83 -24.48 -18.28 -4.09
C ILE A 83 -24.73 -18.87 -2.69
N VAL A 84 -25.98 -18.86 -2.23
CA VAL A 84 -26.36 -19.48 -0.94
C VAL A 84 -26.06 -21.00 -0.94
N GLU A 85 -26.56 -21.71 -1.96
CA GLU A 85 -26.31 -23.15 -2.14
C GLU A 85 -24.82 -23.49 -2.20
N ARG A 86 -24.06 -22.68 -2.92
CA ARG A 86 -22.65 -22.97 -3.18
C ARG A 86 -21.78 -22.74 -1.95
N THR A 87 -22.02 -21.63 -1.24
CA THR A 87 -21.35 -21.36 0.03
C THR A 87 -21.77 -22.37 1.11
N ARG A 88 -23.04 -22.81 1.08
CA ARG A 88 -23.54 -23.81 2.01
C ARG A 88 -22.71 -25.10 1.96
N GLU A 89 -22.54 -25.63 0.75
CA GLU A 89 -21.89 -26.93 0.57
C GLU A 89 -20.36 -26.83 0.56
N LEU A 90 -19.82 -25.62 0.36
CA LEU A 90 -18.39 -25.38 0.51
C LEU A 90 -17.98 -25.07 1.95
N GLY A 91 -18.93 -25.04 2.89
CA GLY A 91 -18.63 -24.74 4.30
C GLY A 91 -18.10 -23.33 4.50
N LEU A 92 -18.68 -22.38 3.77
CA LEU A 92 -18.34 -20.97 3.89
C LEU A 92 -19.49 -20.21 4.51
N TYR A 93 -19.16 -19.06 5.07
CA TYR A 93 -20.15 -18.10 5.55
C TYR A 93 -20.51 -17.16 4.41
N LEU A 94 -21.66 -16.52 4.53
CA LEU A 94 -22.17 -15.60 3.49
C LEU A 94 -22.79 -14.36 4.15
N VAL A 95 -22.27 -13.18 3.79
CA VAL A 95 -22.89 -11.91 4.18
C VAL A 95 -23.59 -11.32 2.96
N ILE A 96 -24.92 -11.25 3.04
CA ILE A 96 -25.78 -10.74 1.95
C ILE A 96 -26.12 -9.29 2.22
N THR A 97 -25.92 -8.44 1.21
CA THR A 97 -26.28 -7.02 1.33
C THR A 97 -26.84 -6.38 0.06
N ILE A 98 -27.52 -5.25 0.24
CA ILE A 98 -28.03 -4.43 -0.85
C ILE A 98 -26.92 -3.52 -1.36
N GLY A 99 -26.63 -3.60 -2.66
CA GLY A 99 -25.66 -2.73 -3.33
C GLY A 99 -26.22 -1.38 -3.79
N ASN A 100 -25.32 -0.49 -4.20
CA ASN A 100 -25.65 0.89 -4.58
C ASN A 100 -25.68 1.13 -6.09
N GLY A 101 -24.79 0.47 -6.82
CA GLY A 101 -24.68 0.65 -8.26
C GLY A 101 -24.06 1.98 -8.57
N ALA A 102 -24.75 2.79 -9.37
CA ALA A 102 -24.29 4.13 -9.73
C ALA A 102 -24.59 5.15 -8.62
N ASN A 103 -25.59 4.85 -7.80
CA ASN A 103 -26.04 5.75 -6.74
C ASN A 103 -25.31 5.49 -5.43
N ASN A 104 -24.02 5.79 -5.42
CA ASN A 104 -23.15 5.57 -4.26
C ASN A 104 -23.53 6.55 -3.16
N GLY A 105 -23.44 6.12 -1.91
CA GLY A 105 -23.74 6.98 -0.76
C GLY A 105 -25.20 7.36 -0.70
N ASN A 106 -26.07 6.39 -1.01
CA ASN A 106 -27.50 6.65 -1.18
C ASN A 106 -28.30 5.37 -0.94
N HIS A 107 -29.61 5.53 -0.69
CA HIS A 107 -30.52 4.40 -0.54
C HIS A 107 -31.95 4.79 -0.91
N ASN A 108 -32.81 3.78 -1.04
CA ASN A 108 -34.26 3.95 -1.13
C ASN A 108 -34.83 3.13 0.03
N ALA A 109 -35.61 3.78 0.89
CA ALA A 109 -36.11 3.14 2.10
C ALA A 109 -37.10 2.01 1.82
N GLN A 110 -38.06 2.27 0.92
CA GLN A 110 -39.09 1.28 0.60
C GLN A 110 -38.55 0.07 -0.18
N TRP A 111 -37.60 0.31 -1.08
CA TRP A 111 -36.90 -0.75 -1.83
C TRP A 111 -36.20 -1.72 -0.87
N ALA A 112 -35.51 -1.15 0.12
CA ALA A 112 -34.82 -1.92 1.17
C ALA A 112 -35.77 -2.72 2.07
N ARG A 113 -36.91 -2.14 2.44
CA ARG A 113 -37.89 -2.87 3.25
C ARG A 113 -38.43 -4.08 2.49
N ASP A 114 -38.81 -3.88 1.23
CA ASP A 114 -39.35 -4.96 0.38
C ASP A 114 -38.28 -5.97 -0.05
N PHE A 115 -37.02 -5.54 -0.12
CA PHE A 115 -35.90 -6.46 -0.30
C PHE A 115 -35.83 -7.46 0.85
N TRP A 116 -35.87 -6.96 2.08
CA TRP A 116 -35.77 -7.83 3.26
C TRP A 116 -37.07 -8.52 3.64
N LYS A 117 -38.23 -7.95 3.29
CA LYS A 117 -39.48 -8.71 3.37
C LYS A 117 -39.39 -10.01 2.56
N PHE A 118 -38.75 -9.94 1.39
CA PHE A 118 -38.57 -11.10 0.54
C PHE A 118 -37.45 -12.02 1.02
N TYR A 119 -36.23 -11.50 1.11
CA TYR A 119 -35.02 -12.34 1.31
C TYR A 119 -34.79 -12.84 2.73
N ALA A 120 -35.21 -12.07 3.73
CA ALA A 120 -35.07 -12.47 5.15
C ALA A 120 -35.71 -13.83 5.50
N PRO A 121 -37.01 -14.03 5.19
CA PRO A 121 -37.61 -15.35 5.43
C PRO A 121 -37.07 -16.46 4.53
N ARG A 122 -36.62 -16.09 3.32
CA ARG A 122 -36.11 -17.07 2.35
C ARG A 122 -34.82 -17.74 2.81
N TYR A 123 -33.94 -16.99 3.48
CA TYR A 123 -32.68 -17.54 3.99
C TYR A 123 -32.59 -17.61 5.52
N ALA A 124 -33.69 -17.31 6.22
CA ALA A 124 -33.76 -17.36 7.69
C ALA A 124 -33.13 -18.62 8.30
N LYS A 125 -33.50 -19.77 7.73
CA LYS A 125 -33.04 -21.08 8.21
C LYS A 125 -31.59 -21.39 7.87
N GLU A 126 -31.00 -20.66 6.92
CA GLU A 126 -29.61 -20.88 6.49
C GLU A 126 -28.62 -20.37 7.54
N THR A 127 -28.09 -21.30 8.34
CA THR A 127 -27.21 -20.98 9.48
C THR A 127 -25.92 -20.24 9.10
N HIS A 128 -25.36 -20.60 7.95
CA HIS A 128 -24.14 -19.96 7.41
C HIS A 128 -24.32 -18.52 6.88
N VAL A 129 -25.56 -18.04 6.75
CA VAL A 129 -25.86 -16.73 6.17
C VAL A 129 -26.05 -15.64 7.23
N LEU A 130 -25.48 -14.47 6.98
CA LEU A 130 -25.70 -13.24 7.79
C LEU A 130 -26.32 -12.14 6.90
N TYR A 131 -27.08 -11.24 7.51
CA TYR A 131 -27.69 -10.10 6.78
C TYR A 131 -27.07 -8.74 7.14
N GLU A 132 -26.43 -8.10 6.18
CA GLU A 132 -25.95 -6.72 6.29
C GLU A 132 -26.99 -5.85 5.60
N ILE A 133 -27.66 -5.00 6.39
CA ILE A 133 -28.85 -4.24 5.95
C ILE A 133 -28.74 -3.50 4.63
N HIS A 134 -27.67 -2.73 4.45
CA HIS A 134 -27.51 -1.91 3.24
C HIS A 134 -26.10 -1.36 3.09
N ASN A 135 -25.53 -1.45 1.90
CA ASN A 135 -24.22 -0.87 1.63
C ASN A 135 -24.31 0.64 1.57
N GLU A 136 -23.34 1.29 2.21
CA GLU A 136 -23.15 2.76 2.18
C GLU A 136 -24.40 3.59 1.88
N PRO A 137 -25.39 3.56 2.79
CA PRO A 137 -26.66 4.29 2.53
C PRO A 137 -26.57 5.82 2.53
N VAL A 138 -25.51 6.38 3.10
CA VAL A 138 -25.33 7.83 3.23
C VAL A 138 -23.94 8.20 2.69
N ALA A 139 -23.82 9.43 2.19
CA ALA A 139 -22.53 10.00 1.77
C ALA A 139 -21.97 10.89 2.90
N TRP A 140 -20.94 10.45 3.66
CA TRP A 140 -20.24 9.15 3.52
C TRP A 140 -19.98 8.43 4.85
N GLY A 141 -20.75 8.77 5.88
CA GLY A 141 -20.48 8.23 7.22
C GLY A 141 -21.36 8.83 8.29
N PRO A 142 -21.03 8.55 9.57
CA PRO A 142 -21.88 9.05 10.64
C PRO A 142 -21.69 10.58 10.88
N PRO A 143 -22.67 11.26 11.48
CA PRO A 143 -23.92 10.65 11.96
C PRO A 143 -25.01 10.68 10.89
N TYR A 144 -25.55 9.50 10.57
CA TYR A 144 -26.74 9.38 9.71
C TYR A 144 -27.96 10.13 10.29
N SER A 145 -28.07 10.13 11.62
CA SER A 145 -29.23 10.71 12.33
C SER A 145 -29.36 12.24 12.24
N SER A 146 -28.32 12.92 11.79
CA SER A 146 -28.39 14.37 11.51
C SER A 146 -29.35 14.66 10.36
N SER A 147 -30.11 15.75 10.50
CA SER A 147 -31.01 16.24 9.45
C SER A 147 -30.29 16.60 8.15
N THR A 148 -29.03 17.04 8.26
CA THR A 148 -28.19 17.38 7.11
C THR A 148 -27.36 16.20 6.58
N ALA A 149 -27.69 14.97 6.98
CA ALA A 149 -27.10 13.77 6.39
C ALA A 149 -27.54 13.66 4.93
N ASN A 150 -26.69 13.09 4.08
CA ASN A 150 -26.90 13.08 2.63
C ASN A 150 -27.05 11.63 2.10
N PRO A 151 -28.27 11.10 2.01
CA PRO A 151 -29.53 11.73 2.40
C PRO A 151 -29.92 11.43 3.85
N PRO A 152 -30.97 12.10 4.37
CA PRO A 152 -31.44 11.85 5.74
C PRO A 152 -32.35 10.62 5.84
N GLY A 153 -32.67 10.21 7.06
CA GLY A 153 -33.61 9.11 7.31
C GLY A 153 -33.06 7.68 7.30
N ALA A 154 -31.74 7.51 7.14
CA ALA A 154 -31.14 6.18 7.12
C ALA A 154 -31.35 5.40 8.41
N VAL A 155 -31.35 6.10 9.55
CA VAL A 155 -31.55 5.42 10.83
C VAL A 155 -32.96 4.81 10.88
N ASP A 156 -33.97 5.56 10.45
CA ASP A 156 -35.34 5.03 10.34
C ASP A 156 -35.42 3.79 9.44
N MSE A 157 -34.70 3.82 8.31
CA MSE A 157 -34.56 2.69 7.38
C MSE A 157 -33.93 1.50 8.07
O MSE A 157 -34.40 0.37 7.89
CB MSE A 157 -33.76 3.14 6.14
CG MSE A 157 -33.71 2.15 4.99
SE MSE A 157 -32.15 0.96 5.18
CE MSE A 157 -30.72 2.28 4.87
N GLU A 158 -32.87 1.72 8.86
CA GLU A 158 -32.20 0.63 9.59
C GLU A 158 -33.15 0.03 10.62
N ILE A 159 -33.82 0.91 11.36
CA ILE A 159 -34.77 0.52 12.41
C ILE A 159 -35.89 -0.31 11.78
N ASP A 160 -36.48 0.18 10.69
CA ASP A 160 -37.57 -0.53 10.02
C ASP A 160 -37.12 -1.90 9.49
N VAL A 161 -35.94 -1.94 8.86
CA VAL A 161 -35.42 -3.18 8.27
C VAL A 161 -35.00 -4.23 9.32
N TYR A 162 -34.49 -3.78 10.47
CA TYR A 162 -34.18 -4.68 11.58
C TYR A 162 -35.45 -5.36 12.12
N ARG A 163 -36.53 -4.59 12.26
CA ARG A 163 -37.80 -5.12 12.73
C ARG A 163 -38.38 -6.11 11.72
N ILE A 164 -38.23 -5.82 10.43
CA ILE A 164 -38.65 -6.75 9.37
C ILE A 164 -37.87 -8.06 9.42
N ILE A 165 -36.54 -7.96 9.58
CA ILE A 165 -35.65 -9.13 9.64
C ILE A 165 -35.91 -10.01 10.86
N ARG A 166 -36.11 -9.39 12.03
CA ARG A 166 -36.34 -10.16 13.27
C ARG A 166 -37.66 -10.93 13.31
N THR A 167 -38.69 -10.38 12.66
CA THR A 167 -39.94 -11.09 12.41
C THR A 167 -39.69 -12.37 11.61
N TYR A 168 -38.99 -12.23 10.49
CA TYR A 168 -38.83 -13.35 9.55
C TYR A 168 -37.60 -14.21 9.77
N ALA A 169 -36.69 -13.75 10.62
CA ALA A 169 -35.42 -14.44 10.83
C ALA A 169 -34.83 -14.04 12.19
N PRO A 170 -35.43 -14.57 13.29
CA PRO A 170 -35.07 -14.16 14.64
C PRO A 170 -33.69 -14.60 15.12
N GLU A 171 -33.18 -15.71 14.57
CA GLU A 171 -31.82 -16.21 14.89
C GLU A 171 -30.69 -15.61 14.03
N THR A 172 -31.02 -14.87 12.95
CA THR A 172 -30.02 -14.49 11.92
C THR A 172 -29.21 -13.22 12.31
N PRO A 173 -27.85 -13.31 12.32
CA PRO A 173 -26.99 -12.15 12.59
C PRO A 173 -27.21 -10.99 11.64
N VAL A 174 -27.28 -9.78 12.19
CA VAL A 174 -27.55 -8.57 11.42
C VAL A 174 -26.38 -7.57 11.54
N LEU A 175 -25.88 -7.09 10.41
CA LEU A 175 -24.84 -6.06 10.36
C LEU A 175 -25.46 -4.70 9.94
N LEU A 176 -25.18 -3.67 10.75
CA LEU A 176 -25.89 -2.41 10.69
C LEU A 176 -25.03 -1.27 10.15
N PHE A 177 -25.68 -0.30 9.53
CA PHE A 177 -25.11 1.00 9.14
C PHE A 177 -24.18 0.98 7.92
N SER A 178 -23.18 0.10 7.91
CA SER A 178 -22.19 0.01 6.82
C SER A 178 -21.59 1.38 6.50
N TYR A 179 -21.08 2.03 7.54
CA TYR A 179 -20.44 3.33 7.42
C TYR A 179 -19.31 3.28 6.39
N ALA A 180 -19.38 4.12 5.35
CA ALA A 180 -18.34 4.17 4.32
C ALA A 180 -17.01 4.73 4.86
N VAL A 181 -17.09 5.87 5.53
CA VAL A 181 -15.94 6.52 6.15
C VAL A 181 -16.16 6.53 7.67
N PHE A 182 -15.42 5.66 8.36
CA PHE A 182 -15.54 5.48 9.79
C PHE A 182 -14.17 5.71 10.38
N GLY A 183 -13.90 6.96 10.78
CA GLY A 183 -12.55 7.40 11.12
C GLY A 183 -12.44 8.32 12.32
N GLY A 184 -11.42 8.08 13.16
CA GLY A 184 -11.11 8.93 14.31
C GLY A 184 -11.98 8.67 15.53
N LYS A 185 -11.62 9.32 16.62
CA LYS A 185 -12.46 9.32 17.82
C LYS A 185 -13.77 10.06 17.54
N GLY A 186 -13.70 11.06 16.65
CA GLY A 186 -14.88 11.72 16.10
C GLY A 186 -15.84 10.74 15.46
N GLY A 187 -15.33 9.91 14.56
CA GLY A 187 -16.14 8.88 13.89
C GLY A 187 -16.92 8.01 14.86
N ALA A 188 -16.22 7.48 15.86
CA ALA A 188 -16.84 6.63 16.87
C ALA A 188 -17.93 7.37 17.64
N ALA A 189 -17.65 8.62 18.02
CA ALA A 189 -18.62 9.44 18.76
C ALA A 189 -19.91 9.67 17.96
N GLU A 190 -19.75 9.94 16.66
CA GLU A 190 -20.89 10.18 15.76
C GLU A 190 -21.70 8.91 15.52
N ALA A 191 -21.03 7.76 15.45
CA ALA A 191 -21.70 6.46 15.31
C ALA A 191 -22.52 6.13 16.56
N LEU A 192 -21.94 6.39 17.74
CA LEU A 192 -22.64 6.20 19.03
C LEU A 192 -23.99 6.92 19.11
N LYS A 193 -24.08 8.09 18.47
CA LYS A 193 -25.36 8.80 18.34
C LYS A 193 -26.36 7.97 17.55
N ASP A 194 -25.94 7.45 16.40
CA ASP A 194 -26.81 6.63 15.52
C ASP A 194 -27.17 5.31 16.20
N ILE A 195 -26.19 4.70 16.85
CA ILE A 195 -26.39 3.47 17.64
C ILE A 195 -27.39 3.69 18.78
N ARG A 196 -27.27 4.83 19.48
CA ARG A 196 -28.15 5.15 20.60
C ARG A 196 -29.56 5.50 20.14
N ALA A 197 -29.66 6.24 19.04
CA ALA A 197 -30.95 6.52 18.39
C ALA A 197 -31.64 5.24 17.95
N PHE A 198 -30.85 4.31 17.41
CA PHE A 198 -31.34 3.00 16.98
C PHE A 198 -31.85 2.17 18.15
N ASN A 199 -31.05 2.10 19.21
CA ASN A 199 -31.39 1.31 20.39
C ASN A 199 -32.64 1.83 21.11
N LYS A 200 -32.76 3.15 21.24
CA LYS A 200 -33.95 3.77 21.84
C LYS A 200 -35.23 3.35 21.09
N ALA A 201 -35.14 3.23 19.77
CA ALA A 201 -36.28 2.86 18.93
C ALA A 201 -36.63 1.38 19.06
N VAL A 202 -35.61 0.52 18.94
CA VAL A 202 -35.82 -0.92 18.80
C VAL A 202 -35.97 -1.62 20.15
N PHE A 203 -35.07 -1.30 21.08
CA PHE A 203 -35.03 -1.93 22.40
C PHE A 203 -35.62 -1.05 23.52
N GLY A 204 -35.86 0.24 23.25
CA GLY A 204 -36.44 1.14 24.24
C GLY A 204 -35.47 1.91 25.12
N ASN A 205 -34.17 1.62 25.01
CA ASN A 205 -33.15 2.18 25.88
C ASN A 205 -31.88 2.45 25.07
N GLU A 206 -31.39 3.69 25.13
CA GLU A 206 -30.20 4.11 24.36
C GLU A 206 -29.00 3.15 24.42
N ASN A 207 -28.79 2.51 25.56
CA ASN A 207 -27.68 1.59 25.75
C ASN A 207 -28.22 0.18 25.89
N ALA A 208 -28.07 -0.61 24.84
CA ALA A 208 -28.54 -2.00 24.83
C ALA A 208 -27.35 -2.92 24.60
N VAL A 209 -27.36 -4.06 25.28
CA VAL A 209 -26.33 -5.07 25.10
C VAL A 209 -26.79 -6.03 24.00
N TRP A 210 -26.25 -5.83 22.80
CA TRP A 210 -26.57 -6.63 21.63
C TRP A 210 -26.12 -8.08 21.81
N THR A 211 -27.00 -9.03 21.51
CA THR A 211 -26.67 -10.45 21.54
C THR A 211 -26.35 -11.02 20.15
N ASN A 212 -26.90 -10.40 19.09
CA ASN A 212 -26.79 -10.96 17.74
C ASN A 212 -26.71 -9.86 16.65
N GLU A 213 -25.99 -8.77 16.94
CA GLU A 213 -25.83 -7.66 16.00
C GLU A 213 -24.44 -7.07 16.07
N ALA A 214 -24.07 -6.30 15.05
CA ALA A 214 -22.79 -5.59 15.02
C ALA A 214 -22.81 -4.40 14.06
N VAL A 215 -21.94 -3.42 14.31
CA VAL A 215 -21.75 -2.29 13.41
C VAL A 215 -20.86 -2.71 12.23
N ALA A 216 -21.44 -2.69 11.03
CA ALA A 216 -20.66 -2.86 9.80
C ALA A 216 -20.02 -1.54 9.44
N PHE A 217 -18.76 -1.60 9.00
CA PHE A 217 -18.06 -0.40 8.59
C PHE A 217 -17.11 -0.71 7.42
N HIS A 218 -16.69 0.35 6.72
CA HIS A 218 -15.71 0.25 5.64
C HIS A 218 -14.41 0.95 6.03
N GLY A 219 -13.37 0.79 5.20
CA GLY A 219 -12.04 1.35 5.49
C GLY A 219 -11.62 2.63 4.77
N TYR A 220 -12.57 3.38 4.20
CA TYR A 220 -12.22 4.53 3.33
C TYR A 220 -11.76 5.81 4.06
N ALA A 221 -11.73 5.81 5.39
CA ALA A 221 -11.02 6.81 6.17
C ALA A 221 -9.49 6.57 6.22
N GLY A 222 -9.02 5.43 5.72
CA GLY A 222 -7.62 5.03 5.88
C GLY A 222 -7.45 4.18 7.14
N TRP A 223 -6.38 3.40 7.17
CA TRP A 223 -6.20 2.40 8.22
C TRP A 223 -6.00 2.97 9.63
N GLN A 224 -5.27 4.09 9.74
CA GLN A 224 -4.98 4.72 11.05
C GLN A 224 -6.27 5.21 11.69
N GLU A 225 -6.99 6.05 10.95
CA GLU A 225 -8.24 6.64 11.42
C GLU A 225 -9.34 5.60 11.66
N THR A 226 -9.39 4.57 10.82
CA THR A 226 -10.35 3.49 11.01
C THR A 226 -10.06 2.68 12.28
N THR A 227 -8.80 2.33 12.49
CA THR A 227 -8.35 1.63 13.70
C THR A 227 -8.70 2.38 14.99
N ILE A 228 -8.47 3.69 15.00
CA ILE A 228 -8.85 4.54 16.14
C ILE A 228 -10.37 4.48 16.37
N ALA A 229 -11.14 4.64 15.30
CA ALA A 229 -12.62 4.59 15.38
C ALA A 229 -13.16 3.24 15.86
N VAL A 230 -12.50 2.15 15.46
CA VAL A 230 -12.91 0.80 15.85
C VAL A 230 -12.54 0.56 17.33
N GLU A 231 -11.31 0.86 17.72
CA GLU A 231 -10.88 0.78 19.14
C GLU A 231 -11.85 1.49 20.08
N GLU A 232 -12.20 2.73 19.73
CA GLU A 232 -13.15 3.51 20.52
C GLU A 232 -14.52 2.86 20.61
N LEU A 233 -15.07 2.42 19.48
CA LEU A 233 -16.41 1.83 19.48
C LEU A 233 -16.46 0.49 20.23
N LEU A 234 -15.40 -0.31 20.10
CA LEU A 234 -15.26 -1.54 20.87
C LEU A 234 -15.25 -1.27 22.38
N LYS A 235 -14.52 -0.22 22.80
CA LYS A 235 -14.56 0.21 24.22
C LYS A 235 -15.94 0.61 24.71
N ALA A 236 -16.80 1.12 23.84
CA ALA A 236 -18.17 1.48 24.21
C ALA A 236 -19.12 0.30 24.26
N GLY A 237 -18.67 -0.90 23.88
CA GLY A 237 -19.45 -2.13 24.07
C GLY A 237 -20.20 -2.66 22.85
N TYR A 238 -19.77 -2.25 21.65
CA TYR A 238 -20.48 -2.63 20.41
C TYR A 238 -19.55 -3.39 19.45
N PRO A 239 -19.86 -4.67 19.17
CA PRO A 239 -19.08 -5.41 18.19
C PRO A 239 -19.07 -4.75 16.81
N CYS A 240 -17.97 -4.87 16.09
CA CYS A 240 -17.85 -4.31 14.76
C CYS A 240 -17.60 -5.43 13.76
N PHE A 241 -17.58 -5.08 12.47
CA PHE A 241 -17.43 -6.06 11.41
C PHE A 241 -17.05 -5.27 10.16
N MSE A 242 -15.82 -5.47 9.69
CA MSE A 242 -15.36 -4.85 8.44
C MSE A 242 -16.03 -5.58 7.31
O MSE A 242 -15.96 -6.82 7.23
CB MSE A 242 -13.83 -4.91 8.41
CG MSE A 242 -13.19 -4.57 7.08
SE MSE A 242 -13.57 -2.69 6.63
CE MSE A 242 -11.92 -1.93 7.37
N THR A 243 -16.72 -4.83 6.44
CA THR A 243 -17.41 -5.41 5.28
C THR A 243 -16.86 -4.98 3.91
N GLU A 244 -16.05 -3.93 3.84
CA GLU A 244 -15.43 -3.51 2.56
C GLU A 244 -14.27 -2.54 2.75
N TYR A 245 -13.12 -2.89 2.19
CA TYR A 245 -11.94 -2.02 2.24
C TYR A 245 -10.90 -2.43 1.21
N ALA A 246 -9.96 -1.53 0.96
CA ALA A 246 -8.85 -1.80 0.05
C ALA A 246 -7.67 -0.87 0.32
N GLY A 247 -6.50 -1.27 -0.17
CA GLY A 247 -5.28 -0.48 -0.04
C GLY A 247 -4.36 -0.77 -1.20
N GLY A 248 -3.51 -1.78 -1.02
CA GLY A 248 -2.46 -2.12 -1.97
C GLY A 248 -1.08 -1.87 -1.38
N ALA A 249 -0.08 -2.40 -2.08
CA ALA A 249 1.32 -2.21 -1.71
C ALA A 249 1.72 -0.74 -1.92
N TRP A 250 2.54 -0.22 -1.01
CA TRP A 250 3.06 1.13 -1.09
C TRP A 250 3.93 1.18 -2.33
N GLY A 251 3.63 2.11 -3.23
CA GLY A 251 4.41 2.29 -4.46
C GLY A 251 3.87 1.60 -5.69
N SER A 252 2.92 0.66 -5.53
CA SER A 252 2.37 -0.06 -6.68
C SER A 252 1.50 0.82 -7.56
N GLY A 253 0.82 1.80 -6.96
CA GLY A 253 -0.16 2.61 -7.68
C GLY A 253 -1.45 1.84 -7.99
N MSE A 254 -1.69 0.75 -7.27
CA MSE A 254 -2.82 -0.15 -7.50
C MSE A 254 -3.49 -0.53 -6.21
O MSE A 254 -3.01 -0.23 -5.11
CB MSE A 254 -2.28 -1.40 -8.19
CG MSE A 254 -1.72 -1.05 -9.56
SE MSE A 254 -1.50 -2.72 -10.57
CE MSE A 254 -2.96 -2.36 -11.85
N GLY A 255 -4.62 -1.22 -6.33
CA GLY A 255 -5.38 -1.73 -5.20
C GLY A 255 -4.90 -3.07 -4.69
N GLY A 256 -5.81 -3.77 -4.01
CA GLY A 256 -5.50 -5.00 -3.28
C GLY A 256 -5.75 -4.83 -1.79
N LEU A 257 -5.33 -5.83 -1.02
CA LEU A 257 -5.51 -5.86 0.43
C LEU A 257 -4.85 -4.67 1.10
N ASP A 258 -5.59 -3.99 1.98
CA ASP A 258 -4.99 -3.05 2.93
C ASP A 258 -4.39 -3.92 4.03
N VAL A 259 -3.11 -4.25 3.88
CA VAL A 259 -2.35 -5.06 4.85
C VAL A 259 -2.32 -4.41 6.23
N GLU A 260 -2.14 -3.09 6.26
CA GLU A 260 -2.03 -2.35 7.53
C GLU A 260 -3.29 -2.48 8.37
N LEU A 261 -4.46 -2.33 7.73
CA LEU A 261 -5.75 -2.38 8.43
C LEU A 261 -6.12 -3.82 8.81
N THR A 262 -5.75 -4.77 7.98
CA THR A 262 -5.97 -6.19 8.28
C THR A 262 -5.24 -6.58 9.58
N TYR A 263 -3.96 -6.22 9.67
CA TYR A 263 -3.17 -6.43 10.90
C TYR A 263 -3.81 -5.84 12.15
N GLU A 264 -4.32 -4.62 12.04
CA GLU A 264 -5.02 -3.96 13.16
C GLU A 264 -6.34 -4.67 13.52
N LEU A 265 -7.09 -5.10 12.49
CA LEU A 265 -8.34 -5.83 12.71
C LEU A 265 -8.11 -7.22 13.31
N GLU A 266 -7.01 -7.87 12.92
CA GLU A 266 -6.57 -9.12 13.57
C GLU A 266 -6.26 -8.93 15.05
N ARG A 267 -5.56 -7.84 15.36
CA ARG A 267 -5.19 -7.52 16.73
C ARG A 267 -6.41 -7.23 17.61
N LEU A 268 -7.34 -6.40 17.13
CA LEU A 268 -8.54 -6.04 17.89
C LEU A 268 -9.64 -7.11 17.89
N GLY A 269 -9.47 -8.18 17.11
CA GLY A 269 -10.43 -9.28 17.11
C GLY A 269 -11.65 -8.94 16.28
N VAL A 270 -11.39 -8.52 15.04
CA VAL A 270 -12.43 -8.04 14.15
C VAL A 270 -12.40 -8.74 12.79
N SER A 271 -13.39 -9.61 12.56
CA SER A 271 -13.77 -10.13 11.24
C SER A 271 -13.83 -9.09 10.12
N TRP A 272 -13.44 -9.51 8.90
CA TRP A 272 -13.25 -8.60 7.77
C TRP A 272 -13.57 -9.20 6.40
N LEU A 273 -14.14 -8.35 5.53
CA LEU A 273 -14.43 -8.71 4.15
C LEU A 273 -13.70 -7.71 3.24
N THR A 274 -12.65 -8.17 2.55
CA THR A 274 -11.84 -7.32 1.68
C THR A 274 -12.51 -7.10 0.31
N PHE A 275 -12.21 -5.97 -0.34
CA PHE A 275 -12.85 -5.59 -1.62
C PHE A 275 -12.03 -6.03 -2.83
N GLN A 276 -11.77 -7.33 -2.89
CA GLN A 276 -11.23 -7.98 -4.07
C GLN A 276 -12.21 -9.09 -4.39
N TYR A 277 -12.43 -9.33 -5.68
CA TYR A 277 -13.56 -10.16 -6.12
C TYR A 277 -13.18 -11.62 -6.42
N ILE A 278 -14.21 -12.46 -6.43
CA ILE A 278 -14.10 -13.83 -6.91
C ILE A 278 -14.30 -13.78 -8.43
N PRO A 279 -13.40 -14.41 -9.21
CA PRO A 279 -13.60 -14.44 -10.65
C PRO A 279 -14.95 -15.07 -11.03
N PRO A 280 -15.47 -14.79 -12.24
CA PRO A 280 -14.75 -14.14 -13.33
C PRO A 280 -14.78 -12.60 -13.38
N THR A 281 -15.73 -11.96 -12.70
CA THR A 281 -15.95 -10.52 -12.86
C THR A 281 -16.16 -9.78 -11.54
N GLY A 282 -15.77 -8.50 -11.51
CA GLY A 282 -16.04 -7.61 -10.38
C GLY A 282 -15.50 -6.21 -10.65
N VAL A 283 -15.99 -5.24 -9.87
CA VAL A 283 -15.63 -3.81 -10.12
C VAL A 283 -14.25 -3.37 -9.65
N SER A 284 -13.60 -4.15 -8.80
CA SER A 284 -12.30 -3.78 -8.23
C SER A 284 -11.21 -4.68 -8.82
N ASP A 285 -10.55 -5.50 -7.99
CA ASP A 285 -9.40 -6.29 -8.41
C ASP A 285 -9.60 -7.75 -8.06
N ASP A 286 -8.98 -8.65 -8.83
CA ASP A 286 -9.18 -10.09 -8.70
C ASP A 286 -8.38 -10.68 -7.53
N VAL A 287 -9.06 -11.27 -6.55
CA VAL A 287 -8.43 -11.74 -5.30
C VAL A 287 -7.51 -12.97 -5.50
N THR A 288 -7.73 -13.73 -6.57
CA THR A 288 -6.89 -14.88 -6.91
C THR A 288 -5.56 -14.48 -7.58
N LYS A 289 -5.46 -13.23 -8.06
CA LYS A 289 -4.19 -12.71 -8.60
C LYS A 289 -3.26 -12.31 -7.45
N PRO A 290 -2.01 -12.85 -7.45
CA PRO A 290 -1.03 -12.60 -6.37
C PRO A 290 -0.84 -11.16 -5.94
N GLU A 291 -0.63 -10.26 -6.90
CA GLU A 291 -0.40 -8.83 -6.63
C GLU A 291 -1.50 -8.14 -5.80
N TYR A 292 -2.73 -8.66 -5.86
CA TYR A 292 -3.88 -8.04 -5.15
C TYR A 292 -4.26 -8.68 -3.80
N PHE A 293 -3.65 -9.81 -3.43
CA PHE A 293 -3.90 -10.42 -2.12
C PHE A 293 -2.78 -11.32 -1.56
N SER A 294 -2.54 -12.46 -2.20
CA SER A 294 -1.67 -13.51 -1.61
C SER A 294 -0.21 -13.08 -1.41
N ALA A 295 0.36 -12.43 -2.42
CA ALA A 295 1.69 -11.82 -2.33
C ALA A 295 1.73 -10.73 -1.26
N LEU A 296 0.66 -9.95 -1.11
CA LEU A 296 0.64 -8.88 -0.12
C LEU A 296 0.66 -9.45 1.30
N VAL A 297 -0.09 -10.53 1.50
CA VAL A 297 -0.04 -11.28 2.77
C VAL A 297 1.34 -11.91 2.94
N GLU A 298 1.83 -12.54 1.88
CA GLU A 298 3.11 -13.24 1.90
C GLU A 298 4.30 -12.30 2.17
N ASN A 299 4.29 -11.11 1.55
CA ASN A 299 5.38 -10.14 1.71
C ASN A 299 5.43 -9.47 3.08
N SER A 300 4.28 -9.36 3.74
CA SER A 300 4.15 -8.54 4.95
C SER A 300 4.47 -9.24 6.27
N GLY A 301 4.44 -10.57 6.28
CA GLY A 301 4.53 -11.37 7.51
C GLY A 301 3.17 -11.61 8.17
N LEU A 302 2.10 -11.23 7.50
CA LEU A 302 0.76 -11.34 8.05
C LEU A 302 0.38 -12.82 8.17
N SER A 303 -0.24 -13.18 9.28
CA SER A 303 -0.65 -14.57 9.54
C SER A 303 -1.93 -14.67 10.36
N TRP A 304 -2.75 -15.66 10.03
CA TRP A 304 -3.89 -16.09 10.86
C TRP A 304 -4.07 -17.59 10.69
N THR A 305 -4.92 -18.20 11.52
CA THR A 305 -5.27 -19.61 11.37
C THR A 305 -6.40 -19.77 10.34
N PRO A 306 -6.09 -20.33 9.14
CA PRO A 306 -7.13 -20.53 8.13
C PRO A 306 -8.04 -21.71 8.46
N ASP A 307 -9.32 -21.60 8.11
CA ASP A 307 -10.31 -22.68 8.36
C ASP A 307 -10.05 -23.92 7.49
N TYR A 308 -9.58 -23.70 6.26
CA TYR A 308 -9.24 -24.78 5.35
C TYR A 308 -7.87 -24.52 4.72
N GLY A 309 -7.17 -25.62 4.39
CA GLY A 309 -5.85 -25.54 3.78
C GLY A 309 -4.76 -25.24 4.79
N ASN A 310 -3.58 -24.86 4.28
CA ASN A 310 -2.40 -24.60 5.12
C ASN A 310 -1.76 -23.21 4.91
N TRP A 311 -2.52 -22.28 4.33
CA TRP A 311 -2.06 -20.93 4.05
C TRP A 311 -3.06 -19.89 4.62
N PRO A 312 -2.61 -18.83 5.31
CA PRO A 312 -1.19 -18.54 5.56
C PRO A 312 -0.52 -19.49 6.54
N ALA A 313 0.81 -19.55 6.46
CA ALA A 313 1.60 -20.32 7.40
C ALA A 313 1.47 -19.69 8.78
N ALA A 314 1.51 -20.54 9.81
CA ALA A 314 1.57 -20.08 11.18
C ALA A 314 2.97 -19.53 11.46
N ARG A 315 3.03 -18.26 11.84
CA ARG A 315 4.29 -17.60 12.14
C ARG A 315 4.07 -16.41 13.05
N GLY A 316 5.13 -15.81 13.52
CA GLY A 316 5.02 -14.62 14.35
C GLY A 316 6.34 -14.03 14.75
N VAL A 317 6.25 -12.88 15.41
CA VAL A 317 7.43 -12.15 15.88
C VAL A 317 7.97 -12.84 17.15
N TYR A 318 9.29 -13.01 17.22
CA TYR A 318 9.97 -13.41 18.44
C TYR A 318 10.42 -12.15 19.15
N GLY A 319 10.06 -12.02 20.44
CA GLY A 319 10.31 -10.81 21.21
C GLY A 319 9.34 -9.68 20.90
N ASN A 320 9.57 -8.52 21.50
CA ASN A 320 8.81 -7.31 21.20
C ASN A 320 7.28 -7.50 21.36
N GLY A 321 6.90 -8.28 22.37
CA GLY A 321 5.50 -8.60 22.66
C GLY A 321 4.72 -9.18 21.50
N GLY A 322 5.39 -9.97 20.65
CA GLY A 322 4.77 -10.54 19.46
C GLY A 322 4.26 -9.54 18.43
N LEU A 323 4.85 -8.34 18.42
CA LEU A 323 4.43 -7.25 17.53
C LEU A 323 5.60 -6.82 16.65
N ALA A 324 5.28 -6.50 15.39
CA ALA A 324 6.28 -6.13 14.39
C ALA A 324 7.13 -4.99 14.88
N ARG A 325 8.43 -5.11 14.67
CA ARG A 325 9.40 -4.16 15.21
C ARG A 325 9.36 -2.84 14.45
N GLU A 326 9.12 -1.75 15.18
CA GLU A 326 9.11 -0.39 14.65
C GLU A 326 10.53 0.00 14.26
N THR A 327 10.68 0.83 13.23
CA THR A 327 12.01 1.18 12.67
C THR A 327 12.50 2.60 13.00
N ALA A 328 11.57 3.52 13.24
CA ALA A 328 11.92 4.93 13.46
C ALA A 328 10.75 5.65 14.09
N THR A 329 10.97 6.91 14.45
CA THR A 329 9.96 7.72 15.13
C THR A 329 10.26 9.22 15.03
N TRP A 330 9.21 10.04 15.15
CA TRP A 330 9.35 11.50 15.05
C TRP A 330 9.70 12.09 16.41
N ILE A 331 10.82 12.79 16.49
CA ILE A 331 11.26 13.46 17.70
C ILE A 331 11.63 14.89 17.34
N ASN A 332 10.74 15.82 17.69
CA ASN A 332 10.88 17.25 17.37
C ASN A 332 10.86 17.48 15.85
N ASN A 333 9.86 16.86 15.21
CA ASN A 333 9.64 16.96 13.76
C ASN A 333 10.85 16.53 12.87
N PHE A 334 11.68 15.62 13.38
CA PHE A 334 12.79 15.04 12.60
C PHE A 334 12.77 13.53 12.79
N LEU A 335 12.86 12.79 11.67
CA LEU A 335 12.75 11.33 11.68
C LEU A 335 14.08 10.75 12.10
N THR A 336 14.07 10.10 13.26
CA THR A 336 15.30 9.61 13.90
C THR A 336 15.00 8.37 14.75
N GLY A 337 16.05 7.66 15.15
CA GLY A 337 15.94 6.50 16.03
C GLY A 337 16.58 5.28 15.42
N THR A 338 17.28 4.50 16.25
CA THR A 338 17.93 3.27 15.85
C THR A 338 17.21 2.07 16.49
N THR A 339 16.64 1.22 15.65
CA THR A 339 16.06 -0.05 16.07
C THR A 339 17.08 -1.16 15.91
N ARG A 340 17.42 -1.82 17.02
CA ARG A 340 18.25 -3.01 16.97
C ARG A 340 17.40 -4.26 16.92
N ILE A 341 17.54 -5.03 15.84
CA ILE A 341 16.92 -6.34 15.71
C ILE A 341 18.01 -7.40 15.91
N GLU A 342 17.95 -8.11 17.04
CA GLU A 342 18.90 -9.18 17.31
C GLU A 342 18.66 -10.32 16.33
N ALA A 343 19.73 -10.88 15.77
CA ALA A 343 19.64 -11.89 14.71
C ALA A 343 18.97 -13.19 15.18
N GLU A 344 19.22 -13.55 16.43
CA GLU A 344 18.58 -14.71 17.09
C GLU A 344 17.08 -14.54 17.40
N ASP A 345 16.51 -13.35 17.16
CA ASP A 345 15.05 -13.11 17.26
C ASP A 345 14.31 -13.15 15.91
N PHE A 346 14.83 -13.90 14.95
CA PHE A 346 14.07 -14.27 13.74
C PHE A 346 12.65 -14.76 14.05
N ASP A 347 11.72 -14.52 13.13
CA ASP A 347 10.33 -14.96 13.31
C ASP A 347 10.25 -16.46 13.59
N TRP A 348 9.42 -16.86 14.54
CA TRP A 348 9.07 -18.28 14.68
C TRP A 348 8.08 -18.63 13.57
N GLY A 349 7.94 -19.93 13.29
CA GLY A 349 7.02 -20.40 12.27
C GLY A 349 7.40 -21.77 11.74
N GLY A 350 8.63 -21.89 11.22
CA GLY A 350 9.18 -23.18 10.82
C GLY A 350 10.31 -23.14 9.82
N ASN A 351 10.93 -24.30 9.63
CA ASN A 351 11.99 -24.44 8.65
C ASN A 351 11.32 -24.44 7.30
N GLY A 352 11.75 -23.55 6.41
CA GLY A 352 11.09 -23.31 5.13
C GLY A 352 10.08 -22.18 5.13
N VAL A 353 9.67 -21.68 6.30
CA VAL A 353 8.63 -20.65 6.41
C VAL A 353 9.20 -19.30 6.89
N SER A 354 9.59 -19.23 8.16
CA SER A 354 10.19 -18.01 8.74
C SER A 354 11.74 -18.00 8.72
N TYR A 355 12.34 -19.16 8.43
CA TYR A 355 13.78 -19.28 8.23
C TYR A 355 14.03 -20.54 7.40
N TYR A 356 15.20 -20.65 6.79
CA TYR A 356 15.68 -21.93 6.27
C TYR A 356 17.06 -22.19 6.86
N ASP A 357 17.20 -23.36 7.48
CA ASP A 357 18.48 -23.87 7.97
C ASP A 357 18.68 -25.29 7.43
N THR A 358 19.93 -25.66 7.20
CA THR A 358 20.26 -26.93 6.55
C THR A 358 19.94 -28.20 7.36
N ASP A 359 19.73 -28.07 8.67
CA ASP A 359 19.21 -29.17 9.50
C ASP A 359 18.22 -28.66 10.55
N SER A 360 17.52 -29.58 11.18
CA SER A 360 16.47 -29.25 12.15
C SER A 360 16.94 -29.12 13.60
N VAL A 361 18.24 -29.31 13.87
CA VAL A 361 18.78 -29.14 15.22
C VAL A 361 19.49 -27.78 15.36
N ASN A 362 19.43 -27.24 16.58
CA ASN A 362 20.22 -26.08 16.97
C ASN A 362 21.54 -26.63 17.55
N VAL A 363 22.56 -26.73 16.70
CA VAL A 363 23.84 -27.32 17.11
C VAL A 363 24.59 -26.47 18.13
N GLY A 364 24.33 -25.16 18.13
CA GLY A 364 24.88 -24.26 19.13
C GLY A 364 24.30 -24.46 20.53
N GLY A 365 23.00 -24.73 20.59
CA GLY A 365 22.32 -25.14 21.81
C GLY A 365 21.71 -24.05 22.69
N GLN A 366 21.92 -22.79 22.33
CA GLN A 366 21.47 -21.66 23.16
C GLN A 366 20.17 -21.04 22.66
N TYR A 367 19.44 -20.40 23.58
CA TYR A 367 18.32 -19.48 23.29
C TYR A 367 17.03 -20.15 22.84
N ARG A 368 17.10 -20.90 21.74
CA ARG A 368 15.92 -21.48 21.08
C ARG A 368 16.21 -22.92 20.72
N PRO A 369 16.12 -23.84 21.70
CA PRO A 369 16.54 -25.22 21.49
C PRO A 369 15.62 -26.07 20.61
N ASP A 370 14.38 -25.64 20.38
CA ASP A 370 13.40 -26.43 19.60
C ASP A 370 13.35 -26.07 18.10
N GLU A 371 14.19 -25.13 17.67
CA GLU A 371 14.21 -24.65 16.29
C GLU A 371 15.52 -24.95 15.58
N GLY A 372 15.49 -24.90 14.25
CA GLY A 372 16.63 -25.26 13.41
C GLY A 372 17.79 -24.29 13.31
N VAL A 373 17.60 -23.02 13.67
CA VAL A 373 18.67 -22.00 13.54
C VAL A 373 19.75 -22.24 14.61
N ASP A 374 21.00 -21.98 14.24
CA ASP A 374 22.14 -22.34 15.08
C ASP A 374 22.68 -21.12 15.86
N ILE A 375 22.53 -21.19 17.17
CA ILE A 375 22.71 -20.04 18.07
C ILE A 375 23.72 -20.37 19.18
N GLU A 376 24.70 -19.48 19.37
CA GLU A 376 25.69 -19.58 20.46
C GLU A 376 25.73 -18.28 21.25
N LYS A 377 26.37 -18.32 22.41
CA LYS A 377 26.64 -17.10 23.20
C LYS A 377 27.69 -16.28 22.46
N THR A 378 27.57 -14.95 22.49
CA THR A 378 28.58 -14.07 21.87
C THR A 378 29.36 -13.31 22.93
N SER A 379 30.59 -12.95 22.58
CA SER A 379 31.47 -12.15 23.45
C SER A 379 31.57 -10.68 22.97
N ASP A 380 30.58 -10.23 22.20
CA ASP A 380 30.57 -8.89 21.62
C ASP A 380 29.92 -7.94 22.61
N THR A 381 30.25 -6.65 22.49
CA THR A 381 29.64 -5.58 23.29
C THR A 381 28.11 -5.66 23.30
N GLY A 382 27.53 -5.64 24.50
CA GLY A 382 26.10 -5.88 24.71
C GLY A 382 25.74 -7.33 25.01
N GLY A 383 26.72 -8.23 24.99
CA GLY A 383 26.52 -9.62 25.34
C GLY A 383 25.48 -10.31 24.48
N GLY A 384 24.71 -11.19 25.11
CA GLY A 384 23.67 -11.96 24.43
C GLY A 384 24.22 -13.06 23.54
N TYR A 385 23.52 -13.30 22.43
CA TYR A 385 23.77 -14.46 21.56
C TYR A 385 24.05 -14.02 20.12
N ASN A 386 24.69 -14.89 19.35
CA ASN A 386 24.85 -14.71 17.90
C ASN A 386 24.39 -15.95 17.12
N VAL A 387 23.78 -15.73 15.96
CA VAL A 387 23.53 -16.80 14.99
C VAL A 387 24.87 -17.18 14.37
N GLY A 388 25.23 -18.46 14.50
CA GLY A 388 26.42 -19.04 13.83
C GLY A 388 26.05 -20.22 12.97
N TRP A 389 27.06 -20.90 12.43
CA TRP A 389 26.85 -22.04 11.51
C TRP A 389 25.97 -21.66 10.28
N ILE A 390 26.25 -20.49 9.71
CA ILE A 390 25.48 -19.98 8.57
C ILE A 390 26.04 -20.61 7.30
N SER A 391 25.31 -21.56 6.72
CA SER A 391 25.64 -22.14 5.41
C SER A 391 24.98 -21.33 4.31
N GLU A 392 25.56 -21.38 3.10
CA GLU A 392 25.00 -20.66 1.96
C GLU A 392 23.66 -21.26 1.57
N GLY A 393 22.76 -20.40 1.13
CA GLY A 393 21.37 -20.79 0.88
C GLY A 393 20.46 -20.56 2.07
N GLU A 394 21.02 -20.47 3.29
CA GLU A 394 20.20 -20.25 4.49
C GLU A 394 19.66 -18.84 4.51
N TRP A 395 18.59 -18.66 5.27
CA TRP A 395 17.99 -17.35 5.43
C TRP A 395 17.16 -17.24 6.70
N LEU A 396 16.93 -15.98 7.07
CA LEU A 396 16.27 -15.61 8.32
C LEU A 396 15.31 -14.46 8.00
N GLU A 397 14.04 -14.60 8.36
CA GLU A 397 13.06 -13.53 8.15
C GLU A 397 12.74 -12.89 9.49
N TYR A 398 12.66 -11.56 9.49
CA TYR A 398 12.24 -10.77 10.65
C TYR A 398 11.11 -9.87 10.20
N THR A 399 9.94 -9.96 10.84
CA THR A 399 8.81 -9.11 10.49
C THR A 399 8.97 -7.79 11.22
N ILE A 400 9.04 -6.71 10.43
CA ILE A 400 9.17 -5.35 10.94
C ILE A 400 8.01 -4.51 10.43
N ARG A 401 7.90 -3.27 10.91
CA ARG A 401 6.90 -2.33 10.42
C ARG A 401 7.56 -0.98 10.14
N VAL A 402 7.70 -0.63 8.87
CA VAL A 402 8.27 0.66 8.48
C VAL A 402 7.12 1.66 8.39
N ARG A 403 6.84 2.33 9.49
CA ARG A 403 5.70 3.25 9.56
C ARG A 403 6.01 4.51 8.73
N ASN A 404 7.27 4.94 8.74
CA ASN A 404 7.76 6.09 7.97
C ASN A 404 8.67 5.65 6.82
N PRO A 405 8.19 5.75 5.57
CA PRO A 405 9.01 5.32 4.44
C PRO A 405 10.20 6.24 4.15
N GLY A 406 11.15 5.71 3.38
CA GLY A 406 12.28 6.48 2.90
C GLY A 406 13.61 5.75 3.00
N TYR A 407 14.67 6.54 3.16
CA TYR A 407 16.01 6.03 3.14
C TYR A 407 16.52 5.74 4.55
N TYR A 408 17.02 4.51 4.73
CA TYR A 408 17.50 4.02 6.02
C TYR A 408 18.92 3.52 5.88
N ASN A 409 19.73 3.73 6.91
CA ASN A 409 21.02 3.07 7.04
C ASN A 409 20.78 1.69 7.61
N LEU A 410 21.02 0.66 6.79
CA LEU A 410 20.88 -0.74 7.21
C LEU A 410 22.24 -1.23 7.64
N SER A 411 22.34 -1.74 8.86
CA SER A 411 23.64 -2.17 9.42
C SER A 411 23.61 -3.63 9.89
N LEU A 412 24.65 -4.38 9.57
CA LEU A 412 24.82 -5.77 10.01
C LEU A 412 26.09 -5.90 10.86
N ARG A 413 25.93 -6.33 12.10
CA ARG A 413 27.06 -6.59 13.00
C ARG A 413 27.56 -8.00 12.73
N VAL A 414 28.77 -8.11 12.18
CA VAL A 414 29.25 -9.37 11.59
C VAL A 414 30.65 -9.76 12.06
N ALA A 415 30.90 -11.07 12.09
CA ALA A 415 32.22 -11.62 12.33
C ALA A 415 32.48 -12.77 11.36
N GLY A 416 33.72 -12.91 10.91
CA GLY A 416 34.12 -14.00 10.02
C GLY A 416 35.63 -14.02 9.82
N ILE A 417 36.22 -15.21 9.78
CA ILE A 417 37.67 -15.36 9.58
C ILE A 417 38.06 -14.83 8.20
N SER A 418 37.30 -15.21 7.19
CA SER A 418 37.44 -14.65 5.84
C SER A 418 36.19 -13.86 5.47
N GLY A 419 36.18 -13.29 4.27
CA GLY A 419 35.03 -12.55 3.77
C GLY A 419 33.81 -13.43 3.54
N SER A 420 32.70 -12.78 3.21
CA SER A 420 31.43 -13.45 3.01
C SER A 420 30.45 -12.58 2.24
N ARG A 421 29.40 -13.20 1.72
CA ARG A 421 28.38 -12.51 0.95
C ARG A 421 27.02 -12.72 1.58
N VAL A 422 26.20 -11.68 1.46
CA VAL A 422 24.85 -11.71 1.96
C VAL A 422 24.01 -10.82 1.04
N GLN A 423 22.69 -10.96 1.11
CA GLN A 423 21.78 -10.07 0.39
C GLN A 423 20.49 -9.92 1.19
N VAL A 424 20.03 -8.69 1.35
CA VAL A 424 18.83 -8.41 2.14
C VAL A 424 17.69 -7.96 1.22
N SER A 425 16.55 -8.61 1.35
CA SER A 425 15.33 -8.18 0.69
C SER A 425 14.30 -7.79 1.76
N PHE A 426 13.45 -6.81 1.42
CA PHE A 426 12.34 -6.38 2.27
C PHE A 426 11.04 -6.58 1.50
N GLY A 427 10.06 -7.25 2.09
CA GLY A 427 8.82 -7.59 1.39
C GLY A 427 9.05 -8.36 0.10
N ASN A 428 10.03 -9.25 0.10
CA ASN A 428 10.47 -10.00 -1.09
C ASN A 428 10.89 -9.11 -2.25
N GLN A 429 11.57 -8.00 -1.94
CA GLN A 429 12.16 -7.11 -2.94
C GLN A 429 13.59 -6.78 -2.52
N ASP A 430 14.54 -7.05 -3.40
CA ASP A 430 15.96 -6.82 -3.12
C ASP A 430 16.21 -5.33 -2.93
N LYS A 431 16.83 -4.97 -1.80
CA LYS A 431 17.16 -3.58 -1.49
C LYS A 431 18.67 -3.29 -1.42
N THR A 432 19.50 -4.33 -1.51
CA THR A 432 20.96 -4.21 -1.28
C THR A 432 21.86 -4.59 -2.46
N GLY A 433 21.42 -5.56 -3.25
CA GLY A 433 22.28 -6.25 -4.20
C GLY A 433 23.15 -7.23 -3.45
N VAL A 434 24.22 -7.68 -4.10
CA VAL A 434 25.18 -8.60 -3.48
C VAL A 434 26.06 -7.75 -2.56
N TRP A 435 26.04 -8.06 -1.27
CA TRP A 435 26.72 -7.26 -0.27
C TRP A 435 27.95 -8.02 0.22
N GLU A 436 29.12 -7.52 -0.16
CA GLU A 436 30.39 -8.11 0.24
C GLU A 436 30.68 -7.69 1.66
N LEU A 437 30.68 -8.66 2.58
CA LEU A 437 31.04 -8.43 3.98
C LEU A 437 32.52 -8.70 4.18
N PRO A 438 33.23 -7.81 4.91
CA PRO A 438 34.67 -7.95 5.02
C PRO A 438 35.09 -9.11 5.95
N ALA A 439 36.32 -9.56 5.78
CA ALA A 439 36.95 -10.48 6.74
C ALA A 439 37.31 -9.70 8.00
N THR A 440 36.96 -10.25 9.15
CA THR A 440 37.36 -9.69 10.45
C THR A 440 38.61 -10.36 11.02
N GLY A 441 38.85 -11.63 10.67
CA GLY A 441 39.98 -12.39 11.20
C GLY A 441 39.64 -13.31 12.37
N GLY A 442 38.40 -13.27 12.88
CA GLY A 442 37.95 -14.18 13.93
C GLY A 442 36.44 -14.35 13.97
N PHE A 443 35.98 -15.45 14.59
CA PHE A 443 34.54 -15.75 14.67
C PHE A 443 33.81 -15.12 15.86
N GLN A 444 34.56 -14.49 16.77
CA GLN A 444 34.03 -13.50 17.71
C GLN A 444 34.85 -12.20 17.64
N THR A 445 35.21 -11.81 16.42
CA THR A 445 35.88 -10.54 16.14
C THR A 445 34.90 -9.75 15.29
N TRP A 446 34.27 -8.75 15.89
CA TRP A 446 33.09 -8.11 15.32
C TRP A 446 33.37 -6.75 14.66
N THR A 447 32.62 -6.47 13.60
CA THR A 447 32.65 -5.18 12.90
C THR A 447 31.24 -4.91 12.38
N THR A 448 30.92 -3.63 12.14
CA THR A 448 29.62 -3.26 11.60
C THR A 448 29.77 -2.85 10.12
N ALA A 449 29.06 -3.57 9.25
CA ALA A 449 28.94 -3.24 7.84
C ALA A 449 27.62 -2.52 7.66
N THR A 450 27.61 -1.47 6.84
CA THR A 450 26.44 -0.61 6.69
C THR A 450 26.16 -0.33 5.22
N ARG A 451 24.88 -0.29 4.85
CA ARG A 451 24.47 0.00 3.48
C ARG A 451 23.13 0.74 3.50
N GLN A 452 23.00 1.72 2.60
CA GLN A 452 21.82 2.57 2.54
C GLN A 452 20.75 1.87 1.70
N VAL A 453 19.49 1.89 2.17
CA VAL A 453 18.37 1.25 1.45
C VAL A 453 17.13 2.14 1.41
N PHE A 454 16.25 1.86 0.45
CA PHE A 454 14.99 2.59 0.26
C PHE A 454 13.90 1.61 0.68
N LEU A 455 13.27 1.89 1.82
CA LEU A 455 12.17 1.06 2.31
C LEU A 455 10.81 1.71 2.05
N GLY A 456 9.86 0.89 1.58
CA GLY A 456 8.46 1.29 1.47
C GLY A 456 7.79 1.20 2.83
N ALA A 457 6.65 1.88 2.96
CA ALA A 457 5.88 1.88 4.20
C ALA A 457 5.03 0.60 4.37
N GLY A 458 4.95 0.14 5.61
CA GLY A 458 4.05 -0.94 6.02
C GLY A 458 4.77 -2.15 6.60
N LEU A 459 3.99 -3.09 7.11
CA LEU A 459 4.47 -4.42 7.46
C LEU A 459 5.28 -5.03 6.33
N GLN A 460 6.49 -5.49 6.65
CA GLN A 460 7.33 -6.16 5.68
C GLN A 460 8.34 -7.06 6.36
N LYS A 461 8.60 -8.20 5.73
CA LYS A 461 9.57 -9.15 6.22
C LYS A 461 10.94 -8.72 5.73
N LEU A 462 11.86 -8.48 6.65
CA LEU A 462 13.28 -8.29 6.34
C LEU A 462 13.86 -9.70 6.29
N ARG A 463 14.52 -10.05 5.19
CA ARG A 463 15.05 -11.39 4.97
C ARG A 463 16.54 -11.36 4.63
N ILE A 464 17.36 -11.88 5.53
CA ILE A 464 18.80 -11.99 5.30
C ILE A 464 18.98 -13.23 4.45
N ASN A 465 19.56 -13.12 3.26
CA ASN A 465 19.94 -14.28 2.44
C ASN A 465 21.45 -14.45 2.45
N ALA A 466 21.93 -15.57 2.99
CA ALA A 466 23.37 -15.89 3.00
C ALA A 466 23.79 -16.51 1.67
N LEU A 467 24.49 -15.73 0.85
CA LEU A 467 24.96 -16.18 -0.45
C LEU A 467 26.27 -16.99 -0.31
N SER A 468 27.02 -16.72 0.76
CA SER A 468 28.10 -17.58 1.19
C SER A 468 27.96 -17.88 2.68
N GLY A 469 28.67 -18.91 3.12
CA GLY A 469 28.78 -19.22 4.53
C GLY A 469 30.00 -18.54 5.14
N GLY A 470 30.45 -19.08 6.27
CA GLY A 470 31.66 -18.60 6.94
C GLY A 470 31.56 -17.26 7.66
N PHE A 471 30.36 -16.86 8.09
CA PHE A 471 30.19 -15.71 8.97
C PHE A 471 29.20 -15.96 10.09
N ASN A 472 29.33 -15.15 11.14
CA ASN A 472 28.43 -15.13 12.28
C ASN A 472 27.74 -13.78 12.30
N LEU A 473 26.48 -13.78 12.76
CA LEU A 473 25.63 -12.59 12.79
C LEU A 473 25.05 -12.35 14.20
N ASN A 474 25.35 -11.20 14.77
CA ASN A 474 24.92 -10.81 16.12
C ASN A 474 23.58 -10.07 16.07
N TRP A 475 23.54 -8.97 15.33
CA TRP A 475 22.32 -8.15 15.23
C TRP A 475 22.23 -7.34 13.94
N ILE A 476 21.03 -6.83 13.69
CA ILE A 476 20.71 -5.99 12.55
C ILE A 476 20.22 -4.64 13.10
N GLU A 477 20.51 -3.56 12.39
CA GLU A 477 20.06 -2.23 12.77
C GLU A 477 19.55 -1.42 11.58
N LEU A 478 18.48 -0.67 11.83
CA LEU A 478 17.92 0.29 10.91
C LEU A 478 17.78 1.60 11.67
N SER A 479 18.28 2.67 11.09
CA SER A 479 17.92 4.03 11.51
C SER A 479 17.76 4.86 10.24
N PRO A 480 16.87 5.89 10.27
CA PRO A 480 16.71 6.72 9.09
C PRO A 480 17.93 7.61 8.85
N ILE A 481 18.20 7.94 7.59
CA ILE A 481 19.38 8.75 7.28
C ILE A 481 19.27 10.10 7.97
N SER A 482 20.38 10.57 8.52
CA SER A 482 20.45 11.83 9.26
C SER A 482 20.85 12.99 8.31
N THR A 483 21.69 12.68 7.33
CA THR A 483 22.05 13.59 6.23
C THR A 483 21.17 13.27 5.02
N GLY A 484 20.63 14.32 4.40
CA GLY A 484 19.68 14.16 3.30
C GLY A 484 20.30 13.71 1.99
N THR A 485 19.44 13.41 1.02
CA THR A 485 19.86 13.00 -0.33
C THR A 485 20.23 14.18 -1.22
N ILE A 486 19.84 15.39 -0.81
CA ILE A 486 20.19 16.63 -1.50
C ILE A 486 20.33 17.74 -0.46
N PRO A 487 21.28 18.68 -0.64
CA PRO A 487 21.45 19.68 0.41
C PRO A 487 20.25 20.62 0.55
N ASP A 488 20.03 21.09 1.77
CA ASP A 488 19.04 22.13 2.02
C ASP A 488 19.41 23.38 1.24
N GLY A 489 18.40 24.11 0.78
CA GLY A 489 18.61 25.31 -0.02
C GLY A 489 17.37 25.70 -0.80
N THR A 490 17.50 26.73 -1.62
CA THR A 490 16.45 27.17 -2.52
C THR A 490 16.79 26.69 -3.93
N TYR A 491 15.81 26.07 -4.60
CA TYR A 491 16.02 25.43 -5.90
C TYR A 491 14.89 25.71 -6.88
N LYS A 492 15.15 25.37 -8.15
CA LYS A 492 14.13 25.35 -9.19
C LYS A 492 13.94 23.91 -9.64
N PHE A 493 12.68 23.52 -9.81
CA PHE A 493 12.32 22.18 -10.28
C PHE A 493 12.13 22.25 -11.79
N LEU A 494 12.85 21.42 -12.54
CA LEU A 494 12.65 21.28 -13.98
C LEU A 494 12.41 19.82 -14.33
N ASN A 495 11.27 19.52 -14.94
CA ASN A 495 10.93 18.16 -15.39
C ASN A 495 11.86 17.74 -16.54
N ARG A 496 12.34 16.49 -16.50
CA ARG A 496 13.35 16.02 -17.45
C ARG A 496 12.84 15.87 -18.88
N ALA A 497 11.61 15.39 -19.03
CA ALA A 497 11.03 15.22 -20.38
C ALA A 497 10.84 16.55 -21.14
N ASN A 498 10.10 17.47 -20.53
CA ASN A 498 9.63 18.71 -21.21
C ASN A 498 10.31 20.01 -20.75
N GLY A 499 11.16 19.93 -19.73
CA GLY A 499 11.87 21.11 -19.23
C GLY A 499 11.02 22.11 -18.46
N LYS A 500 9.79 21.73 -18.11
CA LYS A 500 8.86 22.65 -17.45
C LYS A 500 9.15 22.70 -15.95
N THR A 501 8.71 23.79 -15.31
CA THR A 501 8.88 23.98 -13.88
C THR A 501 7.54 23.95 -13.17
N LEU A 502 7.59 23.94 -11.84
CA LEU A 502 6.41 23.99 -10.99
C LEU A 502 6.28 25.40 -10.44
N GLN A 503 5.05 25.92 -10.43
CA GLN A 503 4.79 27.31 -10.05
C GLN A 503 3.65 27.44 -9.03
N GLU A 504 3.87 28.28 -8.00
CA GLU A 504 2.84 28.58 -7.00
C GLU A 504 1.84 29.59 -7.55
N VAL A 505 0.57 29.39 -7.23
CA VAL A 505 -0.52 30.32 -7.55
C VAL A 505 -1.25 30.62 -6.24
N THR A 506 -1.02 31.82 -5.70
CA THR A 506 -1.56 32.19 -4.38
C THR A 506 -3.08 32.36 -4.37
N GLY A 507 -3.65 32.80 -5.50
CA GLY A 507 -5.10 33.04 -5.63
C GLY A 507 -6.01 31.87 -5.27
N ASN A 508 -5.59 30.65 -5.63
CA ASN A 508 -6.29 29.41 -5.25
C ASN A 508 -5.38 28.39 -4.55
N ASN A 509 -4.20 28.83 -4.10
CA ASN A 509 -3.21 27.97 -3.45
C ASN A 509 -2.80 26.72 -4.25
N SER A 510 -2.89 26.80 -5.58
CA SER A 510 -2.60 25.65 -6.45
C SER A 510 -1.15 25.66 -6.89
N ILE A 511 -0.69 24.49 -7.36
CA ILE A 511 0.59 24.36 -8.06
C ILE A 511 0.29 23.85 -9.46
N ILE A 512 0.84 24.53 -10.46
CA ILE A 512 0.66 24.17 -11.87
C ILE A 512 1.99 24.28 -12.59
N THR A 513 2.12 23.57 -13.71
CA THR A 513 3.32 23.63 -14.55
C THR A 513 3.31 24.89 -15.40
N ALA A 514 4.50 25.41 -15.67
CA ALA A 514 4.69 26.56 -16.54
C ALA A 514 6.13 26.61 -17.03
N ASP A 515 6.44 27.56 -17.92
CA ASP A 515 7.81 27.75 -18.39
C ASP A 515 8.59 28.50 -17.32
N TYR A 516 9.84 28.08 -17.06
CA TYR A 516 10.68 28.74 -16.06
C TYR A 516 10.98 30.21 -16.42
N LYS A 517 10.16 31.10 -15.86
CA LYS A 517 10.23 32.53 -16.10
C LYS A 517 11.33 33.23 -15.25
N GLY A 518 11.87 32.53 -14.24
CA GLY A 518 12.90 33.10 -13.36
C GLY A 518 12.38 33.86 -12.14
N ILE A 519 11.14 33.57 -11.74
CA ILE A 519 10.44 34.34 -10.69
C ILE A 519 10.37 33.56 -9.37
N THR A 520 10.06 34.29 -8.29
CA THR A 520 10.01 33.68 -6.95
C THR A 520 8.88 32.67 -6.76
N GLU A 521 7.81 32.78 -7.58
CA GLU A 521 6.72 31.81 -7.55
C GLU A 521 7.16 30.40 -7.99
N GLN A 522 8.24 30.34 -8.77
CA GLN A 522 8.84 29.09 -9.23
C GLN A 522 10.14 28.72 -8.50
N HIS A 523 10.32 29.24 -7.28
CA HIS A 523 11.48 28.94 -6.43
C HIS A 523 10.97 28.32 -5.13
N TRP A 524 11.71 27.35 -4.60
CA TRP A 524 11.23 26.53 -3.49
C TRP A 524 12.32 26.19 -2.48
N LYS A 525 12.08 26.52 -1.21
CA LYS A 525 12.94 26.07 -0.11
C LYS A 525 12.75 24.58 0.13
N ILE A 526 13.86 23.89 0.40
CA ILE A 526 13.89 22.44 0.61
C ILE A 526 14.56 22.17 1.96
N GLN A 527 13.86 21.48 2.87
CA GLN A 527 14.40 21.13 4.20
C GLN A 527 14.20 19.67 4.57
N HIS A 528 15.32 18.97 4.77
CA HIS A 528 15.34 17.55 5.14
C HIS A 528 14.85 17.32 6.58
N ILE A 529 13.91 16.39 6.75
CA ILE A 529 13.36 16.09 8.08
C ILE A 529 13.64 14.64 8.50
N GLY A 530 14.77 14.11 8.07
CA GLY A 530 15.11 12.70 8.27
C GLY A 530 14.48 11.76 7.25
N GLY A 531 15.24 10.73 6.87
CA GLY A 531 14.72 9.62 6.08
C GLY A 531 14.62 9.86 4.58
N GLY A 532 15.40 10.80 4.07
CA GLY A 532 15.15 11.36 2.76
C GLY A 532 13.82 12.10 2.56
N GLN A 533 13.05 12.33 3.61
CA GLN A 533 11.79 13.08 3.51
C GLN A 533 12.09 14.56 3.60
N TYR A 534 11.25 15.35 2.93
CA TYR A 534 11.46 16.79 2.81
C TYR A 534 10.19 17.59 3.00
N ARG A 535 10.34 18.76 3.64
CA ARG A 535 9.35 19.82 3.57
C ARG A 535 9.77 20.69 2.40
N ILE A 536 8.82 21.03 1.55
CA ILE A 536 9.07 21.85 0.37
C ILE A 536 8.13 23.05 0.45
N SER A 537 8.71 24.23 0.67
CA SER A 537 7.95 25.47 0.82
C SER A 537 8.33 26.49 -0.25
N SER A 538 7.37 27.34 -0.63
CA SER A 538 7.61 28.39 -1.62
C SER A 538 8.51 29.50 -1.09
N ALA A 539 9.24 30.15 -1.98
CA ALA A 539 10.18 31.19 -1.60
C ALA A 539 9.53 32.50 -1.16
N GLY A 540 8.35 32.81 -1.71
CA GLY A 540 7.69 34.11 -1.50
C GLY A 540 6.91 34.26 -0.21
N ARG A 541 6.10 33.24 0.09
CA ARG A 541 5.46 33.08 1.40
C ARG A 541 5.84 31.69 1.89
N GLY A 542 6.02 31.49 3.19
CA GLY A 542 6.56 30.22 3.69
C GLY A 542 5.65 29.00 3.66
N TRP A 543 4.82 28.86 2.63
CA TRP A 543 3.73 27.86 2.61
C TRP A 543 4.18 26.54 1.96
N ASN A 544 3.80 25.42 2.58
CA ASN A 544 4.34 24.10 2.22
C ASN A 544 3.52 23.37 1.15
N TRP A 545 4.23 22.71 0.23
CA TRP A 545 3.67 21.71 -0.69
C TRP A 545 2.76 20.73 0.05
N ASN A 546 1.64 20.38 -0.58
CA ASN A 546 0.63 19.51 0.04
C ASN A 546 -0.05 18.68 -1.04
N TRP A 547 0.05 17.36 -0.95
CA TRP A 547 -0.55 16.45 -1.90
C TRP A 547 -1.83 15.85 -1.31
N TRP A 548 -2.96 16.50 -1.59
CA TRP A 548 -4.25 16.11 -1.03
C TRP A 548 -5.38 16.76 -1.80
N MSE A 549 -6.18 15.94 -2.50
CA MSE A 549 -7.26 16.41 -3.40
C MSE A 549 -6.70 17.43 -4.36
O MSE A 549 -7.19 18.57 -4.46
CB MSE A 549 -8.48 16.93 -2.62
CG MSE A 549 -9.29 15.78 -2.01
SE MSE A 549 -10.54 16.44 -0.63
CE MSE A 549 -11.61 14.80 -0.44
N GLY A 550 -5.66 17.03 -5.07
CA GLY A 550 -4.88 17.91 -5.94
C GLY A 550 -3.50 18.16 -5.36
N PHE A 551 -2.81 19.15 -5.90
CA PHE A 551 -1.44 19.46 -5.53
C PHE A 551 -1.35 20.96 -5.30
N GLY A 552 -1.43 21.36 -4.04
CA GLY A 552 -1.44 22.77 -3.67
C GLY A 552 -0.42 23.10 -2.59
N THR A 553 -0.72 24.16 -1.85
CA THR A 553 0.21 24.74 -0.90
C THR A 553 -0.56 25.28 0.32
N VAL A 554 -0.03 25.04 1.53
CA VAL A 554 -0.77 25.28 2.78
C VAL A 554 0.05 25.98 3.88
N GLY A 555 -0.65 26.43 4.93
CA GLY A 555 -0.06 27.14 6.07
C GLY A 555 0.51 26.28 7.19
N TRP A 556 -0.14 25.14 7.48
CA TRP A 556 0.36 24.19 8.52
C TRP A 556 1.65 23.42 8.14
N TRP A 557 2.49 23.14 9.15
CA TRP A 557 3.87 22.61 8.97
C TRP A 557 3.89 21.14 8.52
N GLY A 558 4.97 20.74 7.84
CA GLY A 558 5.07 19.41 7.21
C GLY A 558 5.69 18.24 7.98
N THR A 559 4.88 17.63 8.87
CA THR A 559 5.17 16.30 9.46
C THR A 559 4.07 15.24 9.18
N GLY A 560 2.83 15.70 8.96
CA GLY A 560 1.76 14.84 8.42
C GLY A 560 2.06 14.36 7.02
N SER A 561 1.50 13.21 6.65
CA SER A 561 1.87 12.47 5.44
C SER A 561 1.70 13.21 4.08
N SER A 562 0.69 14.07 3.97
CA SER A 562 0.44 14.82 2.73
C SER A 562 1.46 15.95 2.44
N THR A 563 1.98 16.55 3.51
CA THR A 563 2.98 17.63 3.43
C THR A 563 4.46 17.16 3.32
N CYS A 564 4.67 15.85 3.28
CA CYS A 564 6.02 15.24 3.27
C CYS A 564 6.28 14.49 1.95
N PHE A 565 7.50 14.67 1.44
CA PHE A 565 7.91 14.18 0.12
C PHE A 565 9.32 13.64 0.16
N ILE A 566 9.49 12.39 -0.28
CA ILE A 566 10.80 11.76 -0.36
C ILE A 566 11.48 12.18 -1.67
N ILE A 567 12.65 12.80 -1.57
CA ILE A 567 13.49 13.13 -2.73
C ILE A 567 14.47 11.99 -2.98
N SER A 568 14.15 11.16 -3.99
CA SER A 568 14.84 9.91 -4.29
C SER A 568 15.75 10.05 -5.52
N PRO A 569 17.09 10.01 -5.35
CA PRO A 569 17.99 10.16 -6.50
C PRO A 569 17.89 9.05 -7.56
N THR A 570 18.00 9.43 -8.83
CA THR A 570 17.99 8.48 -9.94
C THR A 570 19.34 7.80 -10.16
N GLY A 571 20.43 8.49 -9.82
CA GLY A 571 21.79 8.04 -10.11
C GLY A 571 22.48 8.83 -11.20
N ASP A 572 21.71 9.48 -12.09
CA ASP A 572 22.26 10.23 -13.22
C ASP A 572 22.13 11.76 -13.11
N GLY A 573 22.05 12.26 -11.87
CA GLY A 573 21.94 13.70 -11.58
C GLY A 573 20.52 14.21 -11.36
N TYR A 574 19.53 13.40 -11.70
CA TYR A 574 18.12 13.73 -11.48
C TYR A 574 17.60 13.03 -10.21
N TYR A 575 16.39 13.42 -9.80
CA TYR A 575 15.68 12.84 -8.66
C TYR A 575 14.25 12.54 -9.07
N ARG A 576 13.63 11.56 -8.43
CA ARG A 576 12.16 11.48 -8.47
C ARG A 576 11.55 11.81 -7.09
N ILE A 577 10.38 12.44 -7.12
CA ILE A 577 9.74 13.00 -5.94
C ILE A 577 8.63 12.04 -5.50
N VAL A 578 8.96 11.14 -4.57
CA VAL A 578 8.03 10.09 -4.12
C VAL A 578 7.10 10.67 -3.06
N LEU A 579 5.82 10.32 -3.17
CA LEU A 579 4.79 10.82 -2.25
C LEU A 579 4.68 9.89 -1.03
N VAL A 580 4.84 10.46 0.16
CA VAL A 580 4.90 9.67 1.40
C VAL A 580 3.64 8.81 1.62
N GLY A 581 2.49 9.31 1.18
CA GLY A 581 1.21 8.60 1.34
C GLY A 581 1.16 7.22 0.70
N ASP A 582 1.21 7.18 -0.63
CA ASP A 582 1.05 5.93 -1.40
C ASP A 582 2.31 5.41 -2.09
N GLY A 583 3.40 6.19 -2.06
CA GLY A 583 4.64 5.82 -2.74
C GLY A 583 4.66 5.99 -4.24
N THR A 584 3.67 6.70 -4.79
CA THR A 584 3.67 7.05 -6.20
C THR A 584 4.58 8.25 -6.38
N ASN A 585 5.05 8.40 -7.62
CA ASN A 585 6.01 9.44 -7.97
C ASN A 585 5.34 10.61 -8.71
N LEU A 586 5.67 11.82 -8.28
CA LEU A 586 5.16 13.04 -8.87
C LEU A 586 5.71 13.17 -10.31
N GLN A 587 4.81 13.27 -11.28
CA GLN A 587 5.18 13.39 -12.69
C GLN A 587 4.25 14.33 -13.44
N ILE A 588 4.76 14.91 -14.53
CA ILE A 588 3.92 15.54 -15.54
C ILE A 588 3.47 14.44 -16.49
N SER A 589 2.20 14.49 -16.89
CA SER A 589 1.61 13.49 -17.77
C SER A 589 2.15 13.59 -19.21
N SER A 590 2.78 12.52 -19.71
CA SER A 590 3.06 12.38 -21.14
C SER A 590 1.71 12.06 -21.81
N GLY A 591 1.12 13.09 -22.42
CA GLY A 591 -0.28 13.08 -22.84
C GLY A 591 -0.90 14.46 -22.64
N ASP A 592 -0.59 15.08 -21.51
CA ASP A 592 -1.00 16.46 -21.21
C ASP A 592 0.08 17.15 -20.37
N PRO A 593 0.90 18.03 -21.00
CA PRO A 593 1.93 18.83 -20.32
C PRO A 593 1.51 19.70 -19.11
N SER A 594 0.21 20.00 -18.99
CA SER A 594 -0.31 20.75 -17.84
C SER A 594 -0.62 19.86 -16.62
N LYS A 595 -1.08 18.63 -16.85
CA LYS A 595 -1.58 17.76 -15.78
C LYS A 595 -0.47 17.13 -14.92
N ILE A 596 -0.39 17.54 -13.66
CA ILE A 596 0.48 16.91 -12.66
C ILE A 596 -0.30 15.73 -12.06
N GLU A 597 0.43 14.66 -11.75
CA GLU A 597 -0.19 13.42 -11.27
C GLU A 597 0.82 12.55 -10.52
N GLY A 598 0.31 11.53 -9.85
CA GLY A 598 1.13 10.60 -9.08
C GLY A 598 0.97 9.21 -9.64
N LYS A 599 2.06 8.63 -10.16
CA LYS A 599 2.02 7.29 -10.76
C LYS A 599 3.18 6.45 -10.28
N ALA A 600 3.04 5.14 -10.44
CA ALA A 600 4.09 4.20 -10.03
C ALA A 600 5.35 4.30 -10.89
N PHE A 601 6.47 3.88 -10.31
CA PHE A 601 7.80 3.93 -10.91
C PHE A 601 7.84 3.42 -12.35
N HIS A 602 8.45 4.21 -13.24
CA HIS A 602 8.84 3.76 -14.58
C HIS A 602 10.07 4.55 -15.06
N GLY A 603 10.69 4.08 -16.14
CA GLY A 603 11.95 4.66 -16.63
C GLY A 603 11.85 6.01 -17.33
N GLY A 604 10.65 6.36 -17.76
CA GLY A 604 10.36 7.60 -18.49
C GLY A 604 10.83 8.89 -17.86
N ALA A 605 11.20 9.84 -18.72
CA ALA A 605 11.75 11.13 -18.29
C ALA A 605 10.73 12.04 -17.61
N ASN A 606 9.46 11.90 -17.97
CA ASN A 606 8.39 12.72 -17.40
C ASN A 606 8.20 12.55 -15.89
N GLN A 607 8.70 11.44 -15.34
CA GLN A 607 8.70 11.16 -13.90
C GLN A 607 9.93 11.70 -13.15
N GLN A 608 10.91 12.24 -13.88
CA GLN A 608 12.16 12.71 -13.29
C GLN A 608 12.23 14.22 -13.28
N TRP A 609 12.92 14.74 -12.26
CA TRP A 609 13.00 16.17 -11.98
C TRP A 609 14.44 16.55 -11.70
N ALA A 610 14.88 17.65 -12.30
CA ALA A 610 16.11 18.31 -11.91
C ALA A 610 15.74 19.23 -10.75
N ILE A 611 16.48 19.15 -9.64
CA ILE A 611 16.30 20.05 -8.49
C ILE A 611 17.57 20.88 -8.44
N LEU A 612 17.52 22.07 -9.03
CA LEU A 612 18.73 22.83 -9.41
C LEU A 612 18.79 24.21 -8.76
N PRO A 613 20.02 24.74 -8.55
CA PRO A 613 20.15 26.16 -8.23
C PRO A 613 19.48 27.02 -9.31
N VAL A 614 18.85 28.12 -8.88
CA VAL A 614 18.05 28.97 -9.78
C VAL A 614 18.80 29.43 -11.04
N SER A 615 20.08 29.75 -10.89
CA SER A 615 20.91 30.28 -11.98
C SER A 615 21.55 29.22 -12.89
N ALA A 616 21.37 27.94 -12.57
CA ALA A 616 21.96 26.85 -13.37
C ALA A 616 21.37 26.78 -14.78
N PRO A 617 22.18 26.35 -15.78
CA PRO A 617 21.73 26.32 -17.17
C PRO A 617 20.73 25.18 -17.45
N ALA A 618 19.72 25.47 -18.28
CA ALA A 618 18.71 24.49 -18.65
C ALA A 618 19.26 23.41 -19.58
N PHE A 619 18.81 22.17 -19.36
CA PHE A 619 19.25 21.01 -20.15
C PHE A 619 18.42 20.89 -21.44
N PRO A 620 18.97 20.28 -22.50
CA PRO A 620 18.19 20.11 -23.75
C PRO A 620 16.98 19.16 -23.62
N THR A 621 16.03 19.27 -24.55
CA THR A 621 14.81 18.44 -24.57
C THR A 621 14.49 17.92 -25.96
N GLY A 622 13.57 16.96 -26.01
CA GLY A 622 12.96 16.51 -27.25
C GLY A 622 13.88 15.75 -28.19
N LEU A 623 14.87 15.04 -27.63
CA LEU A 623 15.87 14.34 -28.43
C LEU A 623 15.21 13.17 -29.16
N SER A 624 15.60 13.00 -30.42
CA SER A 624 14.97 12.08 -31.34
C SER A 624 16.08 11.51 -32.19
N ALA A 625 16.28 10.19 -32.13
CA ALA A 625 17.34 9.50 -32.90
C ALA A 625 16.74 8.52 -33.88
N VAL A 626 17.05 8.69 -35.17
CA VAL A 626 16.45 7.92 -36.26
C VAL A 626 17.53 7.40 -37.22
N LEU A 627 17.41 6.14 -37.64
CA LEU A 627 18.36 5.52 -38.57
C LEU A 627 18.09 5.95 -40.01
N ASP A 628 19.16 6.25 -40.74
CA ASP A 628 19.06 6.70 -42.13
C ASP A 628 18.89 5.48 -43.04
N SER A 629 18.30 5.69 -44.21
CA SER A 629 18.03 4.62 -45.16
C SER A 629 19.31 3.93 -45.64
N SER A 630 19.31 2.61 -45.58
CA SER A 630 20.31 1.76 -46.26
C SER A 630 21.77 1.98 -45.81
N GLY A 631 21.97 2.46 -44.58
CA GLY A 631 23.30 2.82 -44.12
C GLY A 631 23.45 2.93 -42.62
N ASN A 632 24.70 2.83 -42.17
CA ASN A 632 25.05 2.93 -40.75
C ASN A 632 25.15 4.40 -40.35
N THR A 633 23.99 5.03 -40.14
CA THR A 633 23.93 6.45 -39.75
C THR A 633 22.70 6.73 -38.89
N ALA A 634 22.94 7.27 -37.69
CA ALA A 634 21.87 7.72 -36.81
C ALA A 634 21.77 9.24 -36.93
N ASN A 635 20.62 9.73 -37.37
CA ASN A 635 20.34 11.18 -37.42
C ASN A 635 19.64 11.65 -36.13
N LEU A 636 20.39 12.40 -35.31
CA LEU A 636 19.86 13.00 -34.08
C LEU A 636 19.33 14.42 -34.34
N THR A 637 18.18 14.74 -33.74
CA THR A 637 17.69 16.13 -33.61
C THR A 637 17.07 16.35 -32.23
N TRP A 638 17.16 17.58 -31.74
CA TRP A 638 16.60 17.97 -30.45
C TRP A 638 16.17 19.44 -30.45
N ASN A 639 15.51 19.88 -29.38
CA ASN A 639 15.11 21.29 -29.22
C ASN A 639 16.26 22.13 -28.69
N ALA A 640 16.30 23.39 -29.10
CA ALA A 640 17.32 24.31 -28.62
C ALA A 640 17.11 24.58 -27.11
N ALA A 641 18.21 24.52 -26.36
CA ALA A 641 18.22 24.79 -24.93
C ALA A 641 18.56 26.25 -24.70
N PRO A 642 17.77 26.98 -23.88
CA PRO A 642 18.05 28.40 -23.58
C PRO A 642 19.47 28.67 -23.08
N GLY A 643 20.12 29.67 -23.68
CA GLY A 643 21.46 30.09 -23.28
C GLY A 643 22.60 29.13 -23.57
N ALA A 644 22.39 28.18 -24.48
CA ALA A 644 23.40 27.19 -24.84
C ALA A 644 24.36 27.78 -25.88
N ASN A 645 25.66 27.61 -25.65
CA ASN A 645 26.71 27.98 -26.61
C ASN A 645 27.01 26.81 -27.57
N SER A 646 26.80 25.59 -27.08
CA SER A 646 27.15 24.39 -27.80
C SER A 646 26.51 23.18 -27.10
N TYR A 647 26.59 22.02 -27.74
CA TYR A 647 26.07 20.77 -27.19
C TYR A 647 27.12 19.67 -27.25
N ASN A 648 27.01 18.71 -26.34
CA ASN A 648 27.81 17.50 -26.35
C ASN A 648 26.89 16.32 -26.58
N VAL A 649 27.10 15.60 -27.67
CA VAL A 649 26.31 14.41 -28.00
C VAL A 649 26.98 13.20 -27.33
N LYS A 650 26.21 12.44 -26.56
CA LYS A 650 26.72 11.29 -25.81
C LYS A 650 25.96 10.03 -26.18
N ARG A 651 26.64 8.88 -26.10
CA ARG A 651 26.06 7.61 -26.52
C ARG A 651 26.46 6.46 -25.60
N SER A 652 25.54 5.51 -25.47
CA SER A 652 25.72 4.31 -24.67
C SER A 652 25.10 3.14 -25.40
N THR A 653 25.38 1.93 -24.93
CA THR A 653 24.80 0.71 -25.51
C THR A 653 23.68 0.05 -24.66
N LYS A 654 23.42 0.58 -23.45
CA LYS A 654 22.23 0.22 -22.66
C LYS A 654 21.56 1.47 -22.07
N SER A 655 20.26 1.37 -21.78
CA SER A 655 19.48 2.47 -21.19
C SER A 655 20.10 2.97 -19.89
N GLY A 656 20.11 4.29 -19.69
CA GLY A 656 20.59 4.88 -18.44
C GLY A 656 22.08 5.19 -18.39
N GLY A 657 22.87 4.52 -19.22
CA GLY A 657 24.30 4.80 -19.34
C GLY A 657 25.19 3.77 -18.67
N PRO A 658 26.45 4.12 -18.34
CA PRO A 658 27.06 5.42 -18.62
C PRO A 658 27.15 5.78 -20.12
N TYR A 659 27.30 7.08 -20.41
CA TYR A 659 27.27 7.61 -21.78
C TYR A 659 28.61 8.18 -22.23
N THR A 660 29.28 7.49 -23.15
CA THR A 660 30.55 7.96 -23.72
C THR A 660 30.33 9.09 -24.72
N THR A 661 30.98 10.23 -24.47
CA THR A 661 30.82 11.43 -25.29
C THR A 661 31.48 11.24 -26.66
N ILE A 662 30.66 10.96 -27.67
CA ILE A 662 31.12 10.79 -29.06
C ILE A 662 31.45 12.09 -29.78
N ALA A 663 30.89 13.22 -29.32
CA ALA A 663 31.13 14.52 -29.97
C ALA A 663 30.84 15.71 -29.08
N THR A 664 31.63 16.77 -29.24
CA THR A 664 31.49 18.02 -28.49
C THR A 664 31.60 19.21 -29.43
N ASN A 665 31.34 20.41 -28.91
CA ASN A 665 31.35 21.65 -29.69
C ASN A 665 30.37 21.67 -30.87
N ILE A 666 29.24 20.95 -30.72
CA ILE A 666 28.18 20.96 -31.72
C ILE A 666 27.42 22.26 -31.53
N THR A 667 27.45 23.11 -32.55
CA THR A 667 26.88 24.45 -32.51
C THR A 667 25.57 24.47 -33.33
N SER A 668 24.71 23.49 -33.08
CA SER A 668 23.56 23.19 -33.93
C SER A 668 22.64 22.24 -33.17
N THR A 669 21.34 22.22 -33.48
CA THR A 669 20.43 21.29 -32.79
C THR A 669 20.15 20.02 -33.61
N ASN A 670 21.19 19.48 -34.21
CA ASN A 670 21.12 18.19 -34.91
C ASN A 670 22.51 17.62 -35.09
N TYR A 671 22.60 16.30 -35.13
CA TYR A 671 23.87 15.61 -35.27
C TYR A 671 23.69 14.34 -36.09
N THR A 672 24.71 13.97 -36.85
CA THR A 672 24.74 12.71 -37.58
C THR A 672 25.91 11.87 -37.08
N ASP A 673 25.57 10.71 -36.52
CA ASP A 673 26.55 9.76 -35.97
C ASP A 673 26.82 8.68 -37.02
N THR A 674 28.04 8.67 -37.56
CA THR A 674 28.44 7.72 -38.60
C THR A 674 28.93 6.39 -38.06
N GLY A 675 29.32 6.35 -36.78
CA GLY A 675 29.91 5.16 -36.18
C GLY A 675 28.93 4.26 -35.45
N VAL A 676 27.83 3.87 -36.10
CA VAL A 676 26.87 2.92 -35.53
C VAL A 676 27.06 1.55 -36.20
N ALA A 677 27.38 0.54 -35.39
CA ALA A 677 27.63 -0.81 -35.90
C ALA A 677 26.35 -1.46 -36.42
N THR A 678 26.53 -2.36 -37.39
CA THR A 678 25.41 -3.03 -38.07
C THR A 678 24.55 -3.83 -37.08
N GLY A 679 23.25 -3.52 -37.04
CA GLY A 679 22.26 -4.28 -36.25
C GLY A 679 22.54 -4.40 -34.76
N THR A 680 22.79 -3.26 -34.11
CA THR A 680 22.93 -3.17 -32.65
C THR A 680 22.18 -1.93 -32.13
N LYS A 681 21.68 -2.02 -30.90
CA LYS A 681 20.89 -0.93 -30.30
C LYS A 681 21.78 0.13 -29.64
N TYR A 682 21.42 1.40 -29.83
CA TYR A 682 22.13 2.54 -29.25
C TYR A 682 21.19 3.49 -28.49
N TYR A 683 21.75 4.14 -27.47
CA TYR A 683 21.00 5.02 -26.57
C TYR A 683 21.73 6.35 -26.51
N TYR A 684 21.04 7.43 -26.89
CA TYR A 684 21.65 8.75 -26.96
C TYR A 684 21.09 9.70 -25.90
N VAL A 685 21.99 10.53 -25.35
CA VAL A 685 21.60 11.74 -24.64
C VAL A 685 22.45 12.90 -25.13
N VAL A 686 21.99 14.11 -24.83
CA VAL A 686 22.68 15.34 -25.20
C VAL A 686 22.65 16.30 -24.02
N SER A 687 23.78 16.93 -23.73
CA SER A 687 23.83 18.04 -22.78
C SER A 687 24.14 19.32 -23.55
N ALA A 688 23.94 20.46 -22.90
CA ALA A 688 24.32 21.76 -23.44
C ALA A 688 25.48 22.32 -22.63
N VAL A 689 26.17 23.30 -23.23
CA VAL A 689 27.26 24.02 -22.54
C VAL A 689 26.98 25.52 -22.59
N SER A 690 26.75 26.10 -21.40
CA SER A 690 26.42 27.52 -21.23
C SER A 690 27.45 28.22 -20.35
N ASN A 691 28.27 29.09 -20.96
CA ASN A 691 29.31 29.87 -20.27
C ASN A 691 30.30 28.97 -19.52
N GLY A 692 30.75 27.91 -20.21
CA GLY A 692 31.70 26.94 -19.64
C GLY A 692 31.09 25.88 -18.72
N VAL A 693 29.79 25.95 -18.45
CA VAL A 693 29.11 25.05 -17.52
C VAL A 693 28.27 24.05 -18.30
N GLU A 694 28.66 22.78 -18.24
CA GLU A 694 27.91 21.67 -18.86
C GLU A 694 26.68 21.35 -18.02
N THR A 695 25.53 21.16 -18.69
CA THR A 695 24.25 20.94 -18.02
C THR A 695 24.09 19.44 -17.75
N LEU A 696 22.92 19.06 -17.22
CA LEU A 696 22.53 17.66 -17.15
C LEU A 696 22.25 17.10 -18.54
N ASN A 697 22.32 15.78 -18.64
CA ASN A 697 21.97 15.06 -19.86
C ASN A 697 20.46 15.11 -20.10
N SER A 698 20.08 15.20 -21.36
CA SER A 698 18.66 15.14 -21.75
C SER A 698 18.07 13.77 -21.45
N ALA A 699 16.75 13.70 -21.57
CA ALA A 699 16.06 12.42 -21.63
C ALA A 699 16.67 11.55 -22.73
N GLU A 700 16.62 10.26 -22.50
CA GLU A 700 17.21 9.29 -23.40
C GLU A 700 16.44 9.22 -24.71
N ALA A 701 17.17 8.95 -25.79
CA ALA A 701 16.57 8.72 -27.10
C ALA A 701 17.04 7.35 -27.57
N ILE A 702 16.09 6.44 -27.76
CA ILE A 702 16.38 5.11 -28.30
C ILE A 702 16.54 5.34 -29.80
N LEU A 703 17.53 4.71 -30.41
CA LEU A 703 17.68 4.77 -31.87
C LEU A 703 16.50 4.05 -32.51
N GLN A 704 15.74 4.76 -33.35
CA GLN A 704 14.54 4.22 -33.99
C GLN A 704 14.89 3.67 -35.38
N TYR A 705 14.57 2.40 -35.60
CA TYR A 705 14.76 1.75 -36.90
C TYR A 705 13.51 1.95 -37.75
N PRO A 706 13.56 1.57 -39.05
CA PRO A 706 12.35 1.58 -39.91
C PRO A 706 11.24 0.60 -39.48
N LYS A 707 10.16 0.54 -40.26
CA LYS A 707 8.97 -0.25 -39.91
C LYS A 707 9.25 -1.77 -39.85
CA CA B . 20.77 -26.19 12.38
CA CA C . 22.82 -23.08 10.34
CA CA D . 22.50 -10.96 19.18
C1 MPD E . -15.56 4.06 -2.39
C2 MPD E . -16.76 4.96 -2.08
O2 MPD E . -17.18 4.71 -0.73
CM MPD E . -17.91 4.59 -3.00
C3 MPD E . -16.37 6.45 -2.25
C4 MPD E . -16.03 7.20 -0.97
O4 MPD E . -15.02 6.52 -0.22
C5 MPD E . -15.52 8.61 -1.27
C1 MPD F . 30.71 -22.86 13.12
C2 MPD F . 31.33 -21.50 13.36
O2 MPD F . 30.30 -20.57 13.74
CM MPD F . 31.94 -21.02 12.06
C3 MPD F . 32.42 -21.59 14.45
C4 MPD F . 32.04 -21.13 15.86
O4 MPD F . 31.56 -19.78 15.88
C5 MPD F . 30.99 -22.03 16.50
#